data_5XQA
#
_entry.id   5XQA
#
_cell.length_a   101.093
_cell.length_b   184.780
_cell.length_c   99.015
_cell.angle_alpha   90.00
_cell.angle_beta   90.00
_cell.angle_gamma   90.00
#
_symmetry.space_group_name_H-M   'C 2 2 21'
#
loop_
_entity.id
_entity.type
_entity.pdbx_description
1 polymer Transketolase
2 non-polymer 'THIAMINE DIPHOSPHATE'
3 non-polymer 'CALCIUM ION'
4 non-polymer 5-O-phosphono-alpha-D-ribofuranose
5 water water
#
_entity_poly.entity_id   1
_entity_poly.type   'polypeptide(L)'
_entity_poly.pdbx_seq_one_letter_code
;MGSSHHHHHHSSGLVPRGSHMSSVDQKAISTIRLLAVDAVAAANSGHPGAPLGLAPAAHAVFKKMRFNPKDTKWINRDRF
VLSNGHACALLYSMLVLYGYDLTVEDLKKFRQLGSKTPGHPENTDVPGAEVTTGPLGQGICNGVGIALAQAQFAATYNKP
DFPISDSYTYVFLGDGCLMEGVSSEASSLAGHLQLGNLIAFWDDNKISIDGSTEVAFTEDVIARYKSYGWHIVEVSDADT
DITAIAAAIDEAKKVTNKPTLVRLTTTIGFGSLAQGTHGVHGAPLKADDIKQLKTKWGFNPEESFAVPAEVTASYNEHVA
ENQKIQQQWNELFAAYKQKYPELGAELQRRLDGKLPENWDKALPVYTPADAAVATRKLSEIVLSKIIPEVPEIIGGSADL
TPSNLTKAKGTVDFQPAATGLGDYSGRYIRYGVREHAMGAIMNGIAAFGANYKNYGGTFLNFVSYAAGAVRLSALSEFPI
TWVATHDSIGLGEDGPTHQPIETLAHFRATPNISVWRPADGNETSAAYKSAIESTHTPHILALTRQNLPQLEGSSIEKAS
KGGYTLVQQDKADIIIVATGSEVSLAVDALKVLEGQGIKAGVVSLPDQLTFDKQSEEYKLSVLPDGVPILSVEVMSTFGW
SKYSHQQFGLNRFGASGKAPEIFKLFEFTPEGVAERAAKTVAFYKGKDVVSPLRSAF
;
_entity_poly.pdbx_strand_id   A
#
# COMPACT_ATOMS: atom_id res chain seq x y z
N SER A 23 6.35 40.31 -9.59
CA SER A 23 5.94 39.48 -10.76
C SER A 23 4.76 38.56 -10.41
N VAL A 24 4.16 37.97 -11.42
CA VAL A 24 3.05 37.02 -11.18
C VAL A 24 3.56 35.76 -10.46
N ASP A 25 4.75 35.29 -10.79
N ASP A 25 4.76 35.30 -10.80
CA ASP A 25 5.32 34.13 -10.09
CA ASP A 25 5.35 34.16 -10.10
C ASP A 25 5.54 34.45 -8.61
C ASP A 25 5.54 34.45 -8.62
N GLN A 26 6.05 35.63 -8.31
CA GLN A 26 6.22 36.03 -6.91
C GLN A 26 4.89 36.12 -6.19
N LYS A 27 3.88 36.66 -6.86
CA LYS A 27 2.54 36.73 -6.29
C LYS A 27 1.94 35.34 -6.06
N ALA A 28 2.18 34.42 -6.99
CA ALA A 28 1.71 33.03 -6.82
C ALA A 28 2.33 32.39 -5.59
N ILE A 29 3.63 32.56 -5.44
CA ILE A 29 4.34 31.97 -4.30
C ILE A 29 3.80 32.54 -2.98
N SER A 30 3.61 33.85 -2.93
CA SER A 30 3.03 34.47 -1.73
C SER A 30 1.61 33.94 -1.47
N THR A 31 0.84 33.78 -2.55
CA THR A 31 -0.53 33.28 -2.42
C THR A 31 -0.54 31.89 -1.78
N ILE A 32 0.34 31.02 -2.28
CA ILE A 32 0.47 29.64 -1.76
C ILE A 32 0.83 29.68 -0.27
N ARG A 33 1.85 30.46 0.05
CA ARG A 33 2.33 30.58 1.43
C ARG A 33 1.20 31.01 2.37
N LEU A 34 0.46 32.04 1.95
CA LEU A 34 -0.56 32.64 2.79
C LEU A 34 -1.82 31.79 2.86
N LEU A 35 -2.17 31.08 1.77
CA LEU A 35 -3.27 30.10 1.86
C LEU A 35 -2.96 29.04 2.91
N ALA A 36 -1.71 28.56 2.88
CA ALA A 36 -1.32 27.49 3.81
C ALA A 36 -1.37 27.98 5.26
N VAL A 37 -0.81 29.17 5.49
N VAL A 37 -0.81 29.16 5.54
CA VAL A 37 -0.80 29.77 6.82
CA VAL A 37 -0.83 29.65 6.93
C VAL A 37 -2.21 30.05 7.33
C VAL A 37 -2.24 30.07 7.37
N ASP A 38 -3.06 30.57 6.45
CA ASP A 38 -4.45 30.89 6.80
C ASP A 38 -5.25 29.62 7.11
N ALA A 39 -4.97 28.52 6.39
CA ALA A 39 -5.63 27.24 6.66
C ALA A 39 -5.28 26.72 8.05
N VAL A 40 -3.99 26.74 8.38
CA VAL A 40 -3.53 26.36 9.71
C VAL A 40 -4.16 27.28 10.77
N ALA A 41 -4.22 28.58 10.48
CA ALA A 41 -4.80 29.51 11.43
C ALA A 41 -6.26 29.23 11.70
N ALA A 42 -7.03 28.93 10.65
CA ALA A 42 -8.47 28.67 10.81
C ALA A 42 -8.72 27.42 11.64
N ALA A 43 -7.89 26.40 11.44
CA ALA A 43 -7.99 25.16 12.20
C ALA A 43 -7.46 25.31 13.62
N ASN A 44 -6.61 26.31 13.83
CA ASN A 44 -5.80 26.40 15.03
C ASN A 44 -5.05 25.08 15.30
N SER A 45 -4.59 24.48 14.21
CA SER A 45 -3.92 23.18 14.23
C SER A 45 -3.21 23.00 12.92
N GLY A 46 -2.05 22.35 12.96
CA GLY A 46 -1.32 21.97 11.76
C GLY A 46 0.03 22.65 11.64
N HIS A 47 0.58 22.53 10.43
CA HIS A 47 2.02 22.66 10.22
C HIS A 47 2.30 23.74 9.18
N PRO A 48 2.71 24.94 9.61
CA PRO A 48 2.95 26.03 8.64
C PRO A 48 4.38 26.10 8.11
N GLY A 49 5.34 25.47 8.80
CA GLY A 49 6.74 25.72 8.50
C GLY A 49 7.21 25.21 7.16
N ALA A 50 7.00 23.93 6.91
CA ALA A 50 7.43 23.38 5.63
C ALA A 50 6.63 23.95 4.45
N PRO A 51 5.32 24.21 4.59
CA PRO A 51 4.63 24.90 3.49
C PRO A 51 5.23 26.25 3.13
N LEU A 52 5.62 27.04 4.14
CA LEU A 52 6.28 28.31 3.86
C LEU A 52 7.60 28.09 3.14
N GLY A 53 8.38 27.12 3.59
CA GLY A 53 9.68 26.85 2.99
C GLY A 53 9.65 26.25 1.60
N LEU A 54 8.62 25.46 1.30
CA LEU A 54 8.54 24.74 0.05
C LEU A 54 7.63 25.38 -0.98
N ALA A 55 6.98 26.50 -0.69
CA ALA A 55 6.12 27.14 -1.69
C ALA A 55 6.83 27.48 -3.02
N PRO A 56 8.06 28.02 -2.97
CA PRO A 56 8.73 28.28 -4.26
C PRO A 56 8.92 27.01 -5.08
N ALA A 57 9.39 25.94 -4.44
CA ALA A 57 9.58 24.68 -5.13
C ALA A 57 8.28 24.10 -5.63
N ALA A 58 7.22 24.18 -4.82
CA ALA A 58 5.91 23.66 -5.26
C ALA A 58 5.43 24.41 -6.50
N HIS A 59 5.54 25.73 -6.47
CA HIS A 59 5.20 26.54 -7.64
C HIS A 59 5.98 26.09 -8.87
N ALA A 60 7.29 25.95 -8.72
CA ALA A 60 8.15 25.59 -9.85
C ALA A 60 7.84 24.18 -10.39
N VAL A 61 7.66 23.23 -9.49
N VAL A 61 7.66 23.21 -9.50
CA VAL A 61 7.39 21.86 -9.89
CA VAL A 61 7.42 21.84 -9.95
C VAL A 61 6.05 21.73 -10.60
C VAL A 61 6.04 21.68 -10.59
N PHE A 62 5.01 22.31 -10.02
CA PHE A 62 3.67 22.23 -10.64
C PHE A 62 3.65 22.90 -12.00
N LYS A 63 4.44 23.97 -12.20
CA LYS A 63 4.54 24.58 -13.53
C LYS A 63 5.17 23.66 -14.56
N LYS A 64 6.07 22.78 -14.14
CA LYS A 64 6.69 21.79 -15.04
C LYS A 64 5.81 20.56 -15.23
N MET A 65 4.91 20.28 -14.29
CA MET A 65 4.10 19.06 -14.35
C MET A 65 2.98 19.13 -15.38
N ARG A 66 2.71 17.98 -15.98
CA ARG A 66 1.55 17.77 -16.84
C ARG A 66 0.48 17.03 -16.04
N PHE A 67 -0.71 17.64 -15.97
CA PHE A 67 -1.81 17.09 -15.17
C PHE A 67 -3.08 17.77 -15.62
N ASN A 68 -4.20 17.11 -15.35
CA ASN A 68 -5.50 17.67 -15.64
C ASN A 68 -6.32 17.69 -14.37
N PRO A 69 -6.60 18.88 -13.81
N PRO A 69 -6.58 18.88 -13.79
CA PRO A 69 -7.41 18.93 -12.58
CA PRO A 69 -7.41 18.95 -12.59
C PRO A 69 -8.83 18.37 -12.75
C PRO A 69 -8.81 18.35 -12.76
N LYS A 70 -9.30 18.29 -13.99
CA LYS A 70 -10.61 17.71 -14.31
C LYS A 70 -10.52 16.23 -14.69
N ASP A 71 -9.32 15.65 -14.72
CA ASP A 71 -9.16 14.21 -14.94
C ASP A 71 -7.94 13.74 -14.16
N THR A 72 -8.19 13.42 -12.90
CA THR A 72 -7.14 13.04 -11.98
C THR A 72 -6.54 11.67 -12.32
N LYS A 73 -7.16 10.91 -13.23
CA LYS A 73 -6.70 9.57 -13.55
C LYS A 73 -6.05 9.45 -14.93
N TRP A 74 -5.81 10.57 -15.62
CA TRP A 74 -5.12 10.50 -16.92
C TRP A 74 -3.83 9.70 -16.74
N ILE A 75 -3.66 8.63 -17.51
CA ILE A 75 -2.61 7.67 -17.18
C ILE A 75 -1.21 8.19 -17.47
N ASN A 76 -1.11 9.21 -18.35
CA ASN A 76 0.19 9.79 -18.68
C ASN A 76 0.46 11.11 -17.95
N ARG A 77 -0.28 11.38 -16.88
CA ARG A 77 0.03 12.52 -16.03
C ARG A 77 1.38 12.36 -15.36
N ASP A 78 2.08 13.46 -15.10
CA ASP A 78 3.13 13.41 -14.08
C ASP A 78 2.46 13.22 -12.72
N ARG A 79 3.13 12.49 -11.82
CA ARG A 79 2.64 12.30 -10.46
C ARG A 79 3.46 13.16 -9.51
N PHE A 80 2.78 13.70 -8.49
CA PHE A 80 3.40 14.40 -7.37
C PHE A 80 3.07 13.68 -6.08
N VAL A 81 4.08 13.52 -5.21
CA VAL A 81 3.89 12.92 -3.89
C VAL A 81 4.53 13.80 -2.83
N LEU A 82 3.73 14.15 -1.82
CA LEU A 82 4.19 14.89 -0.66
C LEU A 82 4.55 13.88 0.44
N SER A 83 5.81 13.47 0.47
CA SER A 83 6.23 12.47 1.47
C SER A 83 6.22 13.04 2.89
N ASN A 84 6.57 14.32 3.01
CA ASN A 84 6.45 15.05 4.27
C ASN A 84 5.01 15.53 4.40
N GLY A 85 4.12 14.57 4.66
CA GLY A 85 2.70 14.80 4.56
C GLY A 85 2.11 15.79 5.55
N HIS A 86 2.80 16.01 6.66
CA HIS A 86 2.42 17.08 7.58
C HIS A 86 2.34 18.43 6.91
N ALA A 87 3.08 18.61 5.80
CA ALA A 87 3.06 19.85 5.04
C ALA A 87 1.86 19.97 4.11
N CYS A 88 0.82 19.17 4.32
CA CYS A 88 -0.28 19.10 3.37
C CYS A 88 -1.06 20.39 3.13
N ALA A 89 -1.01 21.39 4.02
CA ALA A 89 -1.63 22.67 3.66
C ALA A 89 -1.03 23.21 2.35
N LEU A 90 0.24 22.92 2.10
CA LEU A 90 0.87 23.27 0.83
C LEU A 90 0.22 22.54 -0.35
N LEU A 91 0.11 21.22 -0.25
CA LEU A 91 -0.53 20.45 -1.32
C LEU A 91 -1.95 20.92 -1.57
N TYR A 92 -2.73 21.08 -0.50
CA TYR A 92 -4.11 21.51 -0.69
C TYR A 92 -4.19 22.86 -1.36
N SER A 93 -3.29 23.77 -1.01
CA SER A 93 -3.26 25.09 -1.65
C SER A 93 -2.97 24.97 -3.16
N MET A 94 -2.04 24.11 -3.53
CA MET A 94 -1.78 23.91 -4.96
C MET A 94 -3.00 23.38 -5.70
N LEU A 95 -3.66 22.38 -5.12
CA LEU A 95 -4.80 21.76 -5.73
C LEU A 95 -5.95 22.75 -5.88
N VAL A 96 -6.15 23.58 -4.87
CA VAL A 96 -7.17 24.62 -4.95
C VAL A 96 -6.84 25.62 -6.04
N LEU A 97 -5.60 26.10 -6.07
CA LEU A 97 -5.23 27.11 -7.05
C LEU A 97 -5.34 26.62 -8.48
N TYR A 98 -5.10 25.34 -8.69
CA TYR A 98 -5.19 24.73 -10.02
C TYR A 98 -6.58 24.24 -10.39
N GLY A 99 -7.58 24.40 -9.52
CA GLY A 99 -8.94 24.05 -9.89
C GLY A 99 -9.24 22.58 -9.90
N TYR A 100 -8.56 21.82 -9.05
CA TYR A 100 -9.02 20.47 -8.71
C TYR A 100 -10.38 20.61 -7.99
N ASP A 101 -10.99 19.47 -7.70
CA ASP A 101 -12.27 19.43 -6.98
C ASP A 101 -12.06 19.65 -5.46
N LEU A 102 -11.52 20.83 -5.16
CA LEU A 102 -11.12 21.24 -3.83
C LEU A 102 -11.10 22.75 -3.89
N THR A 103 -11.76 23.40 -2.94
CA THR A 103 -11.97 24.85 -3.00
C THR A 103 -11.42 25.58 -1.80
N VAL A 104 -11.41 26.90 -1.87
CA VAL A 104 -11.09 27.71 -0.71
C VAL A 104 -11.98 27.38 0.49
N GLU A 105 -13.26 27.09 0.25
CA GLU A 105 -14.16 26.70 1.34
C GLU A 105 -13.69 25.40 2.00
N ASP A 106 -13.16 24.47 1.22
CA ASP A 106 -12.54 23.27 1.80
C ASP A 106 -11.30 23.62 2.63
N LEU A 107 -10.46 24.56 2.16
N LEU A 107 -10.49 24.55 2.14
CA LEU A 107 -9.29 24.99 2.95
CA LEU A 107 -9.31 24.96 2.87
C LEU A 107 -9.69 25.56 4.29
C LEU A 107 -9.64 25.62 4.22
N LYS A 108 -10.78 26.33 4.30
CA LYS A 108 -11.27 26.88 5.53
C LYS A 108 -11.69 25.82 6.56
N LYS A 109 -11.96 24.61 6.08
CA LYS A 109 -12.30 23.47 6.90
C LYS A 109 -11.14 22.49 7.09
N PHE A 110 -9.91 22.97 6.90
CA PHE A 110 -8.71 22.17 7.15
C PHE A 110 -8.78 21.56 8.55
N ARG A 111 -8.51 20.27 8.63
CA ARG A 111 -8.45 19.54 9.89
C ARG A 111 -9.77 19.49 10.66
N GLN A 112 -10.89 19.77 10.01
CA GLN A 112 -12.20 19.69 10.64
C GLN A 112 -12.92 18.41 10.27
N LEU A 113 -13.64 17.87 11.23
CA LEU A 113 -14.29 16.59 11.05
C LEU A 113 -15.11 16.54 9.77
N GLY A 114 -14.85 15.52 8.96
CA GLY A 114 -15.57 15.29 7.72
C GLY A 114 -15.12 16.11 6.52
N SER A 115 -14.11 16.96 6.66
CA SER A 115 -13.71 17.81 5.54
C SER A 115 -12.91 17.06 4.48
N LYS A 116 -12.76 17.70 3.32
CA LYS A 116 -11.91 17.21 2.25
C LYS A 116 -10.45 17.60 2.40
N THR A 117 -10.12 18.20 3.54
CA THR A 117 -8.77 18.69 3.82
C THR A 117 -8.29 18.15 5.19
N PRO A 118 -8.14 16.83 5.28
CA PRO A 118 -7.69 16.24 6.55
C PRO A 118 -6.25 16.63 6.89
N GLY A 119 -5.89 16.44 8.16
CA GLY A 119 -4.58 16.86 8.65
C GLY A 119 -3.37 16.21 8.02
N HIS A 120 -3.55 15.05 7.39
CA HIS A 120 -2.56 14.45 6.49
C HIS A 120 -3.31 13.99 5.25
N PRO A 121 -2.65 13.99 4.07
CA PRO A 121 -3.40 13.71 2.85
C PRO A 121 -3.81 12.26 2.72
N GLU A 122 -5.05 12.03 2.30
CA GLU A 122 -5.62 10.70 2.10
C GLU A 122 -6.08 10.56 0.67
N ASN A 123 -5.53 9.58 -0.05
CA ASN A 123 -5.93 9.41 -1.45
C ASN A 123 -7.42 9.10 -1.63
N THR A 124 -8.05 8.46 -0.64
CA THR A 124 -9.47 8.14 -0.80
C THR A 124 -10.37 9.38 -0.77
N ASP A 125 -9.89 10.45 -0.11
CA ASP A 125 -10.72 11.61 0.24
C ASP A 125 -10.32 12.89 -0.51
N VAL A 126 -9.08 12.98 -0.97
CA VAL A 126 -8.54 14.25 -1.49
C VAL A 126 -8.24 14.10 -2.97
N PRO A 127 -9.01 14.79 -3.84
N PRO A 127 -8.96 14.85 -3.84
CA PRO A 127 -8.71 14.78 -5.28
CA PRO A 127 -8.67 14.72 -5.26
C PRO A 127 -7.29 15.30 -5.54
C PRO A 127 -7.30 15.29 -5.54
N GLY A 128 -6.48 14.55 -6.27
CA GLY A 128 -5.08 14.94 -6.53
C GLY A 128 -4.04 14.46 -5.53
N ALA A 129 -4.47 13.75 -4.47
CA ALA A 129 -3.56 13.06 -3.56
C ALA A 129 -3.38 11.65 -4.09
N GLU A 130 -2.20 11.35 -4.60
CA GLU A 130 -1.97 10.05 -5.26
C GLU A 130 -1.93 8.89 -4.26
N VAL A 131 -1.45 9.18 -3.06
CA VAL A 131 -1.20 8.22 -2.00
C VAL A 131 -1.53 8.90 -0.67
N THR A 132 -1.54 8.11 0.40
CA THR A 132 -1.77 8.62 1.75
C THR A 132 -0.44 8.75 2.46
N THR A 133 -0.09 9.97 2.87
CA THR A 133 1.18 10.19 3.54
C THR A 133 0.93 10.84 4.89
N GLY A 134 2.00 11.12 5.63
CA GLY A 134 1.91 11.51 7.06
C GLY A 134 2.82 10.65 7.92
N PRO A 135 2.74 9.33 7.74
CA PRO A 135 3.75 8.45 8.35
C PRO A 135 5.04 8.61 7.53
N LEU A 136 6.07 9.13 8.19
CA LEU A 136 7.27 9.55 7.48
C LEU A 136 7.96 8.42 6.77
N GLY A 137 8.57 8.76 5.64
CA GLY A 137 9.28 7.80 4.83
C GLY A 137 8.46 7.12 3.76
N GLN A 138 7.13 7.07 3.94
CA GLN A 138 6.30 6.27 3.04
C GLN A 138 6.22 6.87 1.65
N GLY A 139 6.01 8.19 1.56
CA GLY A 139 5.76 8.81 0.27
C GLY A 139 6.88 8.64 -0.73
N ILE A 140 8.12 8.83 -0.30
CA ILE A 140 9.23 8.64 -1.23
C ILE A 140 9.25 7.22 -1.77
N CYS A 141 8.97 6.25 -0.90
CA CYS A 141 8.89 4.86 -1.35
C CYS A 141 7.73 4.64 -2.31
N ASN A 142 6.59 5.26 -2.02
CA ASN A 142 5.47 5.22 -2.94
C ASN A 142 5.88 5.80 -4.31
N GLY A 143 6.64 6.88 -4.29
CA GLY A 143 7.15 7.47 -5.53
C GLY A 143 8.05 6.52 -6.30
N VAL A 144 8.91 5.79 -5.59
CA VAL A 144 9.68 4.73 -6.22
C VAL A 144 8.76 3.74 -6.93
N GLY A 145 7.68 3.32 -6.26
CA GLY A 145 6.75 2.41 -6.88
C GLY A 145 5.98 2.98 -8.08
N ILE A 146 5.56 4.24 -8.00
CA ILE A 146 4.93 4.89 -9.14
C ILE A 146 5.91 4.91 -10.33
N ALA A 147 7.16 5.24 -10.07
CA ALA A 147 8.17 5.29 -11.12
C ALA A 147 8.51 3.91 -11.67
N LEU A 148 8.54 2.90 -10.80
CA LEU A 148 8.77 1.51 -11.22
C LEU A 148 7.64 1.10 -12.17
N ALA A 149 6.40 1.33 -11.76
CA ALA A 149 5.24 1.02 -12.59
C ALA A 149 5.29 1.76 -13.90
N GLN A 150 5.62 3.05 -13.89
CA GLN A 150 5.68 3.80 -15.14
C GLN A 150 6.69 3.19 -16.10
N ALA A 151 7.86 2.80 -15.59
CA ALA A 151 8.88 2.22 -16.44
C ALA A 151 8.40 0.88 -17.03
N GLN A 152 7.76 0.07 -16.20
CA GLN A 152 7.27 -1.23 -16.65
C GLN A 152 6.15 -1.06 -17.69
N PHE A 153 5.25 -0.12 -17.42
CA PHE A 153 4.14 0.22 -18.29
C PHE A 153 4.63 0.72 -19.66
N ALA A 154 5.55 1.68 -19.63
CA ALA A 154 6.12 2.21 -20.87
C ALA A 154 6.83 1.12 -21.66
N ALA A 155 7.60 0.27 -20.98
CA ALA A 155 8.28 -0.82 -21.69
C ALA A 155 7.28 -1.78 -22.33
N THR A 156 6.14 -1.97 -21.69
CA THR A 156 5.13 -2.89 -22.18
C THR A 156 4.37 -2.33 -23.39
N TYR A 157 4.04 -1.05 -23.36
CA TYR A 157 3.15 -0.46 -24.38
C TYR A 157 3.77 0.47 -25.39
N ASN A 158 4.84 1.21 -25.05
CA ASN A 158 5.33 2.20 -26.00
C ASN A 158 5.86 1.54 -27.27
N LYS A 159 5.68 2.22 -28.38
CA LYS A 159 6.14 1.76 -29.70
C LYS A 159 6.74 2.96 -30.42
N PRO A 160 7.45 2.72 -31.55
CA PRO A 160 7.97 3.86 -32.31
C PRO A 160 6.84 4.81 -32.70
N ASP A 161 7.04 6.11 -32.49
CA ASP A 161 6.03 7.16 -32.70
C ASP A 161 4.82 7.09 -31.75
N PHE A 162 4.87 6.21 -30.74
CA PHE A 162 3.77 6.06 -29.78
C PHE A 162 4.28 6.07 -28.35
N PRO A 163 4.63 7.27 -27.84
CA PRO A 163 5.03 7.42 -26.45
C PRO A 163 3.79 7.44 -25.56
N ILE A 164 3.18 6.27 -25.42
CA ILE A 164 1.98 6.12 -24.60
C ILE A 164 2.24 6.56 -23.16
N SER A 165 3.41 6.21 -22.63
CA SER A 165 3.78 6.56 -21.27
C SER A 165 5.16 7.15 -21.24
N ASP A 166 5.25 8.41 -20.78
CA ASP A 166 6.53 9.09 -20.68
C ASP A 166 6.58 10.07 -19.51
N SER A 167 5.78 9.79 -18.49
CA SER A 167 5.57 10.70 -17.39
C SER A 167 6.65 10.55 -16.31
N TYR A 168 6.73 11.59 -15.50
CA TYR A 168 7.66 11.70 -14.39
C TYR A 168 6.97 11.55 -13.05
N THR A 169 7.78 11.28 -12.03
CA THR A 169 7.32 11.15 -10.65
C THR A 169 8.13 12.14 -9.81
N TYR A 170 7.45 13.13 -9.27
CA TYR A 170 8.06 14.19 -8.46
C TYR A 170 7.69 13.96 -7.01
N VAL A 171 8.70 13.97 -6.13
CA VAL A 171 8.46 13.71 -4.70
C VAL A 171 9.11 14.80 -3.87
N PHE A 172 8.35 15.35 -2.91
CA PHE A 172 8.93 16.20 -1.87
C PHE A 172 9.11 15.37 -0.61
N LEU A 173 10.23 15.56 0.07
N LEU A 173 10.26 15.51 0.04
CA LEU A 173 10.51 14.84 1.31
CA LEU A 173 10.51 14.82 1.31
C LEU A 173 11.35 15.72 2.19
C LEU A 173 11.41 15.68 2.19
N GLY A 174 11.32 15.44 3.50
CA GLY A 174 12.10 16.19 4.47
C GLY A 174 13.11 15.34 5.20
N ASP A 175 13.71 15.96 6.21
CA ASP A 175 14.71 15.28 7.03
C ASP A 175 14.14 14.04 7.71
N GLY A 176 12.88 14.11 8.14
CA GLY A 176 12.27 12.97 8.80
C GLY A 176 12.16 11.76 7.89
N CYS A 177 11.74 11.98 6.64
CA CYS A 177 11.69 10.88 5.68
C CYS A 177 13.07 10.29 5.46
N LEU A 178 14.09 11.14 5.41
CA LEU A 178 15.49 10.69 5.21
C LEU A 178 16.07 9.92 6.38
N MET A 179 15.53 10.13 7.57
CA MET A 179 15.95 9.37 8.75
C MET A 179 15.29 8.01 8.84
N GLU A 180 14.09 7.86 8.31
CA GLU A 180 13.35 6.61 8.37
C GLU A 180 14.00 5.57 7.47
N GLY A 181 14.29 4.40 8.02
CA GLY A 181 14.99 3.37 7.28
C GLY A 181 14.30 2.93 6.01
N VAL A 182 12.97 2.98 5.99
CA VAL A 182 12.25 2.56 4.80
C VAL A 182 12.69 3.37 3.57
N SER A 183 13.01 4.66 3.73
CA SER A 183 13.45 5.47 2.58
C SER A 183 14.84 5.06 2.09
N SER A 184 15.71 4.62 2.99
CA SER A 184 17.01 4.11 2.60
C SER A 184 16.86 2.86 1.74
N GLU A 185 16.02 1.94 2.19
CA GLU A 185 15.73 0.74 1.42
C GLU A 185 15.28 1.08 0.00
N ALA A 186 14.26 1.94 -0.10
CA ALA A 186 13.70 2.25 -1.41
C ALA A 186 14.67 3.03 -2.27
N SER A 187 15.51 3.87 -1.64
CA SER A 187 16.44 4.69 -2.40
C SER A 187 17.60 3.84 -2.92
N SER A 188 18.08 2.88 -2.13
CA SER A 188 19.06 1.93 -2.62
C SER A 188 18.50 1.17 -3.83
N LEU A 189 17.28 0.66 -3.70
CA LEU A 189 16.68 -0.10 -4.79
C LEU A 189 16.41 0.77 -6.02
N ALA A 190 15.93 1.99 -5.84
CA ALA A 190 15.65 2.88 -6.96
C ALA A 190 16.91 3.23 -7.74
N GLY A 191 18.01 3.43 -7.02
CA GLY A 191 19.28 3.66 -7.67
C GLY A 191 19.73 2.44 -8.45
N HIS A 192 19.63 1.26 -7.84
CA HIS A 192 19.93 0.03 -8.56
C HIS A 192 19.10 -0.10 -9.85
N LEU A 193 17.81 0.25 -9.77
CA LEU A 193 16.90 0.12 -10.90
C LEU A 193 16.99 1.25 -11.92
N GLN A 194 17.88 2.22 -11.69
CA GLN A 194 18.19 3.27 -12.66
C GLN A 194 16.94 4.04 -13.08
N LEU A 195 16.09 4.36 -12.09
CA LEU A 195 14.77 4.95 -12.37
C LEU A 195 14.89 6.46 -12.66
N GLY A 196 15.24 6.74 -13.91
CA GLY A 196 15.49 8.10 -14.36
C GLY A 196 14.32 9.04 -14.41
N ASN A 197 13.10 8.53 -14.32
CA ASN A 197 11.95 9.43 -14.32
C ASN A 197 11.47 9.80 -12.92
N LEU A 198 12.23 9.39 -11.89
CA LEU A 198 12.02 9.79 -10.52
C LEU A 198 12.88 11.01 -10.20
N ILE A 199 12.21 12.05 -9.71
CA ILE A 199 12.89 13.30 -9.32
C ILE A 199 12.37 13.66 -7.93
N ALA A 200 13.24 13.52 -6.93
CA ALA A 200 12.90 13.83 -5.55
C ALA A 200 13.56 15.13 -5.13
N PHE A 201 12.93 15.80 -4.17
CA PHE A 201 13.38 17.10 -3.68
C PHE A 201 13.43 17.01 -2.16
N TRP A 202 14.65 17.17 -1.63
CA TRP A 202 14.88 17.22 -0.18
C TRP A 202 14.72 18.64 0.32
N ASP A 203 13.79 18.84 1.26
CA ASP A 203 13.64 20.09 1.96
C ASP A 203 14.74 20.20 3.02
N ASP A 204 15.87 20.75 2.61
CA ASP A 204 17.05 20.84 3.46
C ASP A 204 16.96 22.11 4.29
N ASN A 205 16.21 22.02 5.40
CA ASN A 205 15.97 23.16 6.29
C ASN A 205 16.62 23.03 7.66
N LYS A 206 17.31 21.90 7.89
CA LYS A 206 18.11 21.68 9.10
C LYS A 206 17.33 21.77 10.41
N ILE A 207 16.03 21.53 10.34
CA ILE A 207 15.15 21.60 11.52
C ILE A 207 14.21 20.39 11.51
N SER A 208 14.08 19.72 12.67
CA SER A 208 13.03 18.73 12.87
C SER A 208 12.36 19.05 14.21
N ILE A 209 11.51 18.16 14.70
CA ILE A 209 10.76 18.49 15.92
C ILE A 209 11.66 18.74 17.13
N ASP A 210 12.72 17.95 17.26
CA ASP A 210 13.63 18.09 18.40
C ASP A 210 14.65 19.21 18.24
N GLY A 211 14.54 20.00 17.18
CA GLY A 211 15.38 21.18 17.01
C GLY A 211 16.28 21.03 15.80
N SER A 212 17.52 21.52 15.91
CA SER A 212 18.47 21.42 14.82
C SER A 212 18.73 19.97 14.46
N THR A 213 18.90 19.71 13.16
CA THR A 213 19.38 18.40 12.75
C THR A 213 20.78 18.09 13.29
N GLU A 214 21.51 19.08 13.76
CA GLU A 214 22.79 18.80 14.41
C GLU A 214 22.68 17.87 15.61
N VAL A 215 21.50 17.79 16.24
CA VAL A 215 21.39 16.93 17.42
C VAL A 215 21.28 15.44 17.12
N ALA A 216 20.92 15.07 15.88
CA ALA A 216 20.64 13.66 15.58
C ALA A 216 20.89 13.23 14.14
N PHE A 217 21.18 14.16 13.22
CA PHE A 217 21.14 13.84 11.79
C PHE A 217 22.23 14.67 11.09
N THR A 218 23.47 14.21 11.28
CA THR A 218 24.66 14.91 10.81
C THR A 218 25.36 14.19 9.65
N GLU A 219 24.75 13.12 9.16
CA GLU A 219 25.27 12.40 7.99
C GLU A 219 25.34 13.30 6.77
N ASP A 220 26.21 12.91 5.84
CA ASP A 220 26.29 13.59 4.54
C ASP A 220 25.27 12.91 3.61
N VAL A 221 24.07 13.47 3.59
CA VAL A 221 22.96 12.94 2.81
C VAL A 221 23.32 12.83 1.34
N ILE A 222 23.94 13.88 0.79
CA ILE A 222 24.30 13.89 -0.61
C ILE A 222 25.27 12.78 -0.95
N ALA A 223 26.29 12.60 -0.12
CA ALA A 223 27.23 11.50 -0.32
C ALA A 223 26.52 10.14 -0.26
N ARG A 224 25.58 10.00 0.66
CA ARG A 224 24.81 8.75 0.72
C ARG A 224 24.01 8.52 -0.56
N TYR A 225 23.33 9.54 -1.04
CA TYR A 225 22.57 9.37 -2.27
C TYR A 225 23.45 9.07 -3.49
N LYS A 226 24.64 9.69 -3.54
CA LYS A 226 25.57 9.30 -4.60
C LYS A 226 25.95 7.82 -4.48
N SER A 227 26.10 7.31 -3.26
CA SER A 227 26.47 5.91 -3.07
C SER A 227 25.41 4.94 -3.57
N TYR A 228 24.15 5.38 -3.61
CA TYR A 228 23.06 4.58 -4.17
C TYR A 228 22.99 4.66 -5.69
N GLY A 229 23.76 5.52 -6.32
CA GLY A 229 23.67 5.73 -7.77
C GLY A 229 22.66 6.76 -8.19
N TRP A 230 22.31 7.69 -7.30
CA TRP A 230 21.45 8.82 -7.68
C TRP A 230 22.28 9.97 -8.25
N HIS A 231 21.65 10.73 -9.14
CA HIS A 231 22.17 12.03 -9.57
C HIS A 231 21.76 13.08 -8.54
N ILE A 232 22.59 14.10 -8.38
CA ILE A 232 22.33 15.17 -7.43
C ILE A 232 22.30 16.52 -8.12
N VAL A 233 21.34 17.37 -7.77
CA VAL A 233 21.40 18.79 -8.09
C VAL A 233 21.20 19.55 -6.79
N GLU A 234 22.02 20.56 -6.54
CA GLU A 234 21.89 21.36 -5.31
C GLU A 234 21.42 22.76 -5.66
N VAL A 235 20.39 23.21 -4.97
CA VAL A 235 19.85 24.57 -5.11
C VAL A 235 20.12 25.29 -3.78
N SER A 236 21.10 26.18 -3.77
N SER A 236 21.09 26.19 -3.81
CA SER A 236 21.54 26.78 -2.50
CA SER A 236 21.60 26.87 -2.63
C SER A 236 20.57 27.80 -1.93
C SER A 236 20.58 27.78 -1.97
N ASP A 237 19.78 28.46 -2.78
CA ASP A 237 18.77 29.40 -2.28
C ASP A 237 17.39 29.04 -2.78
N ALA A 238 16.85 27.98 -2.23
CA ALA A 238 15.52 27.54 -2.62
C ALA A 238 14.40 28.36 -1.96
N ASP A 239 14.73 29.34 -1.11
CA ASP A 239 13.73 30.29 -0.65
C ASP A 239 13.25 31.24 -1.74
N THR A 240 14.09 31.49 -2.74
CA THR A 240 13.76 32.45 -3.80
C THR A 240 14.05 31.98 -5.23
N ASP A 241 14.98 31.04 -5.42
CA ASP A 241 15.56 30.82 -6.75
C ASP A 241 14.77 29.78 -7.55
N ILE A 242 13.57 30.17 -7.99
CA ILE A 242 12.75 29.27 -8.80
C ILE A 242 13.36 29.02 -10.17
N THR A 243 14.19 29.94 -10.67
CA THR A 243 14.91 29.68 -11.92
C THR A 243 15.82 28.45 -11.75
N ALA A 244 16.55 28.38 -10.63
CA ALA A 244 17.43 27.25 -10.36
C ALA A 244 16.64 25.95 -10.10
N ILE A 245 15.47 26.06 -9.48
CA ILE A 245 14.66 24.86 -9.26
C ILE A 245 14.15 24.31 -10.59
N ALA A 246 13.68 25.19 -11.46
CA ALA A 246 13.26 24.77 -12.80
C ALA A 246 14.42 24.15 -13.57
N ALA A 247 15.60 24.78 -13.49
CA ALA A 247 16.77 24.26 -14.18
C ALA A 247 17.19 22.89 -13.63
N ALA A 248 17.01 22.68 -12.33
CA ALA A 248 17.32 21.39 -11.71
C ALA A 248 16.42 20.29 -12.27
N ILE A 249 15.16 20.62 -12.51
CA ILE A 249 14.24 19.67 -13.13
C ILE A 249 14.70 19.34 -14.56
N ASP A 250 15.04 20.37 -15.34
CA ASP A 250 15.54 20.15 -16.69
C ASP A 250 16.77 19.26 -16.68
N GLU A 251 17.69 19.51 -15.74
CA GLU A 251 18.91 18.73 -15.63
C GLU A 251 18.58 17.28 -15.29
N ALA A 252 17.70 17.09 -14.32
CA ALA A 252 17.27 15.74 -13.94
C ALA A 252 16.69 14.96 -15.11
N LYS A 253 15.90 15.63 -15.95
CA LYS A 253 15.30 14.97 -17.10
C LYS A 253 16.32 14.48 -18.12
N LYS A 254 17.48 15.13 -18.18
CA LYS A 254 18.55 14.70 -19.09
C LYS A 254 19.29 13.45 -18.59
N VAL A 255 19.22 13.17 -17.28
CA VAL A 255 19.90 12.00 -16.72
C VAL A 255 18.90 10.85 -16.70
N THR A 256 18.87 10.07 -17.78
CA THR A 256 17.79 9.10 -17.97
C THR A 256 18.00 7.78 -17.24
N ASN A 257 19.21 7.56 -16.70
CA ASN A 257 19.54 6.29 -16.05
C ASN A 257 19.83 6.41 -14.56
N LYS A 258 19.42 7.52 -13.93
CA LYS A 258 19.56 7.66 -12.48
C LYS A 258 18.39 8.44 -11.96
N PRO A 259 17.81 8.02 -10.82
CA PRO A 259 16.90 8.91 -10.10
C PRO A 259 17.69 10.12 -9.60
N THR A 260 17.04 11.27 -9.48
CA THR A 260 17.71 12.49 -9.05
C THR A 260 17.17 12.97 -7.71
N LEU A 261 18.10 13.39 -6.85
CA LEU A 261 17.75 14.11 -5.62
C LEU A 261 18.17 15.56 -5.80
N VAL A 262 17.19 16.46 -5.65
CA VAL A 262 17.42 17.89 -5.69
C VAL A 262 17.44 18.40 -4.25
N ARG A 263 18.59 18.91 -3.84
CA ARG A 263 18.74 19.50 -2.50
C ARG A 263 18.20 20.92 -2.52
N LEU A 264 17.08 21.15 -1.84
CA LEU A 264 16.48 22.49 -1.73
C LEU A 264 16.87 23.07 -0.39
N THR A 265 17.85 23.97 -0.37
CA THR A 265 18.23 24.59 0.90
C THR A 265 17.23 25.71 1.16
N THR A 266 16.37 25.48 2.16
CA THR A 266 15.30 26.40 2.51
C THR A 266 15.41 26.82 3.98
N THR A 267 14.63 27.85 4.30
CA THR A 267 14.40 28.27 5.67
C THR A 267 13.03 27.78 6.08
N ILE A 268 12.95 26.91 7.11
CA ILE A 268 11.63 26.48 7.57
C ILE A 268 10.85 27.72 8.01
N GLY A 269 9.57 27.81 7.62
CA GLY A 269 8.78 28.95 7.99
C GLY A 269 9.21 30.26 7.36
N PHE A 270 9.88 30.19 6.20
CA PHE A 270 10.40 31.39 5.54
C PHE A 270 9.41 32.54 5.56
N GLY A 271 9.88 33.68 6.07
CA GLY A 271 9.06 34.88 6.17
C GLY A 271 8.52 35.14 7.56
N SER A 272 8.26 34.07 8.30
CA SER A 272 7.78 34.22 9.66
C SER A 272 8.81 34.89 10.57
N LEU A 273 8.31 35.58 11.58
CA LEU A 273 9.18 36.05 12.67
C LEU A 273 9.95 34.90 13.31
N ALA A 274 9.34 33.72 13.29
CA ALA A 274 9.88 32.50 13.89
C ALA A 274 10.52 31.58 12.84
N GLN A 275 10.84 32.10 11.66
CA GLN A 275 11.49 31.27 10.65
C GLN A 275 12.77 30.66 11.19
N GLY A 276 13.11 29.47 10.69
CA GLY A 276 14.35 28.83 11.07
C GLY A 276 14.38 28.26 12.46
N THR A 277 13.21 27.99 13.04
CA THR A 277 13.10 27.42 14.38
C THR A 277 12.16 26.23 14.38
N HIS A 278 12.33 25.34 15.36
CA HIS A 278 11.43 24.19 15.48
C HIS A 278 10.02 24.62 15.82
N GLY A 279 9.85 25.79 16.45
CA GLY A 279 8.53 26.27 16.81
C GLY A 279 7.58 26.51 15.65
N VAL A 280 8.08 26.77 14.45
N VAL A 280 8.14 26.74 14.47
CA VAL A 280 7.19 26.92 13.29
CA VAL A 280 7.38 26.99 13.25
C VAL A 280 6.92 25.63 12.55
C VAL A 280 7.01 25.69 12.53
N HIS A 281 7.52 24.53 13.00
CA HIS A 281 7.25 23.24 12.35
C HIS A 281 5.76 22.84 12.40
N GLY A 282 5.18 22.93 13.59
CA GLY A 282 3.98 22.13 13.89
C GLY A 282 2.91 22.74 14.72
N ALA A 283 2.88 24.06 14.76
CA ALA A 283 1.78 24.77 15.42
C ALA A 283 1.47 26.05 14.67
N PRO A 284 0.26 26.58 14.85
CA PRO A 284 -0.13 27.80 14.15
C PRO A 284 0.77 28.99 14.49
N LEU A 285 0.94 29.87 13.52
CA LEU A 285 1.67 31.12 13.74
C LEU A 285 0.86 32.05 14.63
N LYS A 286 1.55 32.98 15.25
CA LYS A 286 0.85 34.03 15.99
C LYS A 286 0.15 35.00 15.01
N ALA A 287 -0.98 35.59 15.44
CA ALA A 287 -1.74 36.46 14.55
C ALA A 287 -0.92 37.66 14.05
N ASP A 288 -0.08 38.23 14.91
CA ASP A 288 0.76 39.38 14.48
C ASP A 288 1.81 38.96 13.45
N ASP A 289 2.29 37.73 13.56
CA ASP A 289 3.23 37.17 12.60
C ASP A 289 2.56 37.09 11.23
N ILE A 290 1.32 36.58 11.19
CA ILE A 290 0.60 36.48 9.93
C ILE A 290 0.36 37.87 9.32
N LYS A 291 0.08 38.88 10.14
CA LYS A 291 -0.09 40.23 9.62
C LYS A 291 1.17 40.73 8.93
N GLN A 292 2.32 40.55 9.56
CA GLN A 292 3.57 41.05 8.95
C GLN A 292 3.95 40.27 7.70
N LEU A 293 3.62 38.98 7.66
CA LEU A 293 3.80 38.20 6.43
C LEU A 293 3.02 38.83 5.28
N LYS A 294 1.77 39.13 5.55
CA LYS A 294 0.91 39.68 4.51
C LYS A 294 1.43 41.03 4.04
N THR A 295 1.78 41.92 4.96
CA THR A 295 2.23 43.23 4.48
C THR A 295 3.58 43.19 3.75
N LYS A 296 4.50 42.33 4.18
CA LYS A 296 5.81 42.23 3.50
C LYS A 296 5.66 41.75 2.06
N TRP A 297 4.61 40.96 1.82
CA TRP A 297 4.37 40.37 0.51
C TRP A 297 3.28 41.08 -0.29
N GLY A 298 2.80 42.22 0.19
CA GLY A 298 1.85 43.04 -0.56
C GLY A 298 0.41 42.61 -0.47
N PHE A 299 0.08 41.78 0.52
CA PHE A 299 -1.29 41.33 0.74
C PHE A 299 -1.93 42.17 1.85
N ASN A 300 -3.25 42.08 1.96
CA ASN A 300 -4.00 42.80 2.95
C ASN A 300 -3.97 42.02 4.27
N PRO A 301 -3.36 42.58 5.35
CA PRO A 301 -3.28 41.85 6.61
C PRO A 301 -4.63 41.59 7.27
N GLU A 302 -5.68 42.30 6.83
CA GLU A 302 -7.04 42.07 7.30
C GLU A 302 -7.77 40.95 6.57
N GLU A 303 -7.17 40.40 5.52
CA GLU A 303 -7.83 39.44 4.65
C GLU A 303 -7.20 38.07 4.82
N SER A 304 -8.04 37.05 4.83
N SER A 304 -8.06 37.05 4.85
CA SER A 304 -7.57 35.67 4.79
CA SER A 304 -7.63 35.64 4.85
C SER A 304 -8.10 34.95 3.57
C SER A 304 -8.08 34.96 3.56
N PHE A 305 -7.35 33.92 3.16
CA PHE A 305 -7.66 33.10 1.99
C PHE A 305 -7.76 33.89 0.69
N ALA A 306 -6.90 34.88 0.54
CA ALA A 306 -6.87 35.67 -0.69
C ALA A 306 -6.35 34.85 -1.86
N VAL A 307 -7.02 34.98 -3.00
CA VAL A 307 -6.55 34.35 -4.25
C VAL A 307 -6.56 35.44 -5.34
N PRO A 308 -5.42 36.10 -5.55
CA PRO A 308 -5.37 37.14 -6.59
C PRO A 308 -5.73 36.56 -7.96
N ALA A 309 -6.58 37.28 -8.70
CA ALA A 309 -7.04 36.81 -10.00
C ALA A 309 -5.89 36.61 -10.99
N GLU A 310 -4.82 37.37 -10.87
N GLU A 310 -4.82 37.38 -10.88
CA GLU A 310 -3.71 37.18 -11.77
CA GLU A 310 -3.60 37.16 -11.72
C GLU A 310 -3.00 35.83 -11.56
C GLU A 310 -3.07 35.76 -11.57
N VAL A 311 -3.04 35.30 -10.33
CA VAL A 311 -2.51 33.98 -10.03
C VAL A 311 -3.40 32.90 -10.66
N THR A 312 -4.70 33.03 -10.44
CA THR A 312 -5.64 32.12 -11.07
C THR A 312 -5.47 32.12 -12.59
N ALA A 313 -5.31 33.29 -13.19
CA ALA A 313 -5.18 33.35 -14.63
C ALA A 313 -3.91 32.60 -15.07
N SER A 314 -2.79 32.86 -14.41
CA SER A 314 -1.52 32.22 -14.76
C SER A 314 -1.61 30.70 -14.65
N TYR A 315 -2.22 30.24 -13.56
CA TYR A 315 -2.37 28.81 -13.34
C TYR A 315 -3.33 28.18 -14.34
N ASN A 316 -4.41 28.91 -14.65
CA ASN A 316 -5.35 28.45 -15.67
C ASN A 316 -4.70 28.28 -17.04
N GLU A 317 -3.78 29.18 -17.39
N GLU A 317 -3.75 29.17 -17.38
CA GLU A 317 -3.05 29.05 -18.66
CA GLU A 317 -3.04 29.03 -18.67
C GLU A 317 -2.28 27.73 -18.75
C GLU A 317 -2.34 27.68 -18.72
N HIS A 318 -1.67 27.33 -17.63
CA HIS A 318 -0.92 26.06 -17.55
C HIS A 318 -1.89 24.86 -17.61
N VAL A 319 -3.02 24.95 -16.94
CA VAL A 319 -4.04 23.90 -17.02
C VAL A 319 -4.54 23.74 -18.47
N ALA A 320 -4.83 24.86 -19.15
CA ALA A 320 -5.33 24.79 -20.51
C ALA A 320 -4.31 24.12 -21.42
N GLU A 321 -3.03 24.46 -21.25
CA GLU A 321 -1.99 23.83 -22.04
C GLU A 321 -1.90 22.33 -21.75
N ASN A 322 -1.98 21.97 -20.47
CA ASN A 322 -1.97 20.55 -20.08
C ASN A 322 -3.15 19.78 -20.65
N GLN A 323 -4.32 20.42 -20.69
CA GLN A 323 -5.50 19.78 -21.24
C GLN A 323 -5.36 19.56 -22.73
N LYS A 324 -4.72 20.49 -23.45
CA LYS A 324 -4.42 20.25 -24.85
C LYS A 324 -3.43 19.11 -25.04
N ILE A 325 -2.46 18.98 -24.13
CA ILE A 325 -1.55 17.83 -24.16
C ILE A 325 -2.34 16.53 -23.97
N GLN A 326 -3.24 16.48 -22.99
CA GLN A 326 -4.04 15.27 -22.81
C GLN A 326 -4.93 14.99 -24.01
N GLN A 327 -5.51 16.03 -24.62
CA GLN A 327 -6.32 15.88 -25.84
C GLN A 327 -5.51 15.20 -26.93
N GLN A 328 -4.27 15.65 -27.12
CA GLN A 328 -3.41 15.06 -28.12
C GLN A 328 -3.03 13.61 -27.74
N TRP A 329 -2.82 13.35 -26.45
CA TRP A 329 -2.56 12.00 -25.98
C TRP A 329 -3.75 11.08 -26.31
N ASN A 330 -4.96 11.58 -26.13
CA ASN A 330 -6.13 10.77 -26.46
C ASN A 330 -6.13 10.39 -27.94
N GLU A 331 -5.75 11.32 -28.82
CA GLU A 331 -5.65 11.00 -30.24
C GLU A 331 -4.51 10.04 -30.53
N LEU A 332 -3.40 10.20 -29.82
CA LEU A 332 -2.29 9.25 -29.93
C LEU A 332 -2.76 7.84 -29.57
N PHE A 333 -3.50 7.73 -28.47
CA PHE A 333 -4.05 6.45 -28.02
C PHE A 333 -5.01 5.85 -29.06
N ALA A 334 -5.88 6.68 -29.66
CA ALA A 334 -6.74 6.16 -30.71
C ALA A 334 -5.92 5.63 -31.89
N ALA A 335 -4.88 6.36 -32.27
CA ALA A 335 -4.03 5.92 -33.37
C ALA A 335 -3.24 4.65 -33.02
N TYR A 336 -2.86 4.54 -31.75
CA TYR A 336 -2.19 3.34 -31.25
C TYR A 336 -3.07 2.11 -31.38
N LYS A 337 -4.35 2.26 -31.03
CA LYS A 337 -5.28 1.15 -31.15
C LYS A 337 -5.47 0.69 -32.58
N GLN A 338 -5.34 1.60 -33.56
CA GLN A 338 -5.38 1.19 -34.95
C GLN A 338 -4.09 0.48 -35.39
N LYS A 339 -2.94 1.04 -35.00
CA LYS A 339 -1.64 0.51 -35.43
C LYS A 339 -1.26 -0.79 -34.71
N TYR A 340 -1.68 -0.91 -33.45
CA TYR A 340 -1.35 -2.05 -32.60
C TYR A 340 -2.65 -2.58 -31.99
N PRO A 341 -3.45 -3.31 -32.78
CA PRO A 341 -4.80 -3.65 -32.33
C PRO A 341 -4.84 -4.48 -31.03
N GLU A 342 -3.95 -5.45 -30.89
CA GLU A 342 -4.00 -6.33 -29.74
C GLU A 342 -3.55 -5.60 -28.48
N LEU A 343 -2.41 -4.94 -28.55
CA LEU A 343 -1.93 -4.15 -27.41
C LEU A 343 -2.89 -3.04 -27.06
N GLY A 344 -3.49 -2.41 -28.08
CA GLY A 344 -4.42 -1.33 -27.85
C GLY A 344 -5.65 -1.77 -27.07
N ALA A 345 -6.19 -2.95 -27.43
CA ALA A 345 -7.33 -3.50 -26.72
C ALA A 345 -6.98 -3.87 -25.28
N GLU A 346 -5.78 -4.41 -25.08
CA GLU A 346 -5.29 -4.74 -23.74
C GLU A 346 -5.18 -3.49 -22.88
N LEU A 347 -4.59 -2.46 -23.46
CA LEU A 347 -4.43 -1.20 -22.76
C LEU A 347 -5.79 -0.59 -22.40
N GLN A 348 -6.72 -0.58 -23.37
CA GLN A 348 -8.06 -0.08 -23.11
C GLN A 348 -8.74 -0.81 -21.93
N ARG A 349 -8.68 -2.13 -21.96
CA ARG A 349 -9.26 -2.95 -20.92
C ARG A 349 -8.70 -2.56 -19.54
N ARG A 350 -7.38 -2.42 -19.47
CA ARG A 350 -6.73 -2.07 -18.22
C ARG A 350 -7.13 -0.68 -17.73
N LEU A 351 -7.21 0.29 -18.65
CA LEU A 351 -7.62 1.65 -18.28
C LEU A 351 -9.10 1.71 -17.86
N ASP A 352 -9.89 0.75 -18.34
CA ASP A 352 -11.27 0.59 -17.89
C ASP A 352 -11.40 -0.16 -16.55
N GLY A 353 -10.28 -0.66 -16.02
CA GLY A 353 -10.27 -1.31 -14.72
C GLY A 353 -10.82 -2.73 -14.72
N LYS A 354 -10.79 -3.37 -15.89
CA LYS A 354 -11.36 -4.70 -16.07
C LYS A 354 -10.26 -5.72 -16.27
N LEU A 355 -10.37 -6.85 -15.59
CA LEU A 355 -9.51 -8.00 -15.85
C LEU A 355 -9.92 -8.68 -17.17
N PRO A 356 -9.02 -9.50 -17.73
CA PRO A 356 -9.41 -10.26 -18.93
C PRO A 356 -10.64 -11.10 -18.70
N GLU A 357 -11.48 -11.20 -19.73
CA GLU A 357 -12.69 -12.00 -19.63
C GLU A 357 -12.33 -13.44 -19.31
N ASN A 358 -12.99 -13.97 -18.28
CA ASN A 358 -12.80 -15.37 -17.85
C ASN A 358 -11.36 -15.73 -17.50
N TRP A 359 -10.60 -14.75 -17.01
CA TRP A 359 -9.21 -14.98 -16.60
C TRP A 359 -9.14 -16.11 -15.57
N ASP A 360 -10.18 -16.18 -14.72
CA ASP A 360 -10.18 -17.09 -13.59
C ASP A 360 -10.30 -18.56 -14.00
N LYS A 361 -10.64 -18.82 -15.26
CA LYS A 361 -10.59 -20.18 -15.77
C LYS A 361 -9.17 -20.77 -15.76
N ALA A 362 -8.14 -19.91 -15.67
CA ALA A 362 -6.77 -20.37 -15.52
C ALA A 362 -6.44 -20.84 -14.10
N LEU A 363 -7.27 -20.55 -13.11
CA LEU A 363 -6.95 -20.96 -11.74
C LEU A 363 -6.96 -22.46 -11.63
N PRO A 364 -5.92 -23.05 -11.02
CA PRO A 364 -5.88 -24.49 -10.84
C PRO A 364 -6.99 -24.99 -9.91
N VAL A 365 -7.51 -26.16 -10.22
CA VAL A 365 -8.55 -26.83 -9.43
C VAL A 365 -8.03 -28.23 -9.08
N TYR A 366 -8.37 -28.67 -7.87
CA TYR A 366 -7.88 -29.91 -7.29
C TYR A 366 -9.04 -30.76 -6.84
N THR A 367 -8.78 -32.05 -6.69
CA THR A 367 -9.74 -32.98 -6.11
C THR A 367 -9.12 -33.63 -4.89
N PRO A 368 -9.93 -34.32 -4.06
CA PRO A 368 -9.36 -34.99 -2.91
C PRO A 368 -8.41 -36.16 -3.27
N ALA A 369 -8.44 -36.62 -4.52
CA ALA A 369 -7.51 -37.65 -4.98
C ALA A 369 -6.10 -37.13 -5.30
N ASP A 370 -5.94 -35.82 -5.39
CA ASP A 370 -4.64 -35.23 -5.71
C ASP A 370 -3.71 -35.27 -4.51
N ALA A 371 -2.42 -35.18 -4.79
CA ALA A 371 -1.37 -35.27 -3.77
C ALA A 371 -1.40 -34.09 -2.82
N ALA A 372 -0.86 -34.32 -1.63
CA ALA A 372 -0.63 -33.25 -0.67
C ALA A 372 0.45 -32.30 -1.21
N VAL A 373 0.25 -31.00 -0.96
CA VAL A 373 1.12 -29.94 -1.51
C VAL A 373 1.17 -28.84 -0.46
N ALA A 374 2.33 -28.22 -0.26
CA ALA A 374 2.41 -27.03 0.60
C ALA A 374 1.69 -25.87 -0.05
N THR A 375 1.06 -24.99 0.72
CA THR A 375 0.37 -23.89 0.06
C THR A 375 1.33 -22.86 -0.55
N ARG A 376 2.61 -22.83 -0.14
CA ARG A 376 3.57 -22.02 -0.91
C ARG A 376 3.75 -22.54 -2.33
N LYS A 377 3.73 -23.86 -2.49
CA LYS A 377 3.90 -24.48 -3.82
C LYS A 377 2.62 -24.34 -4.62
N LEU A 378 1.47 -24.48 -3.98
CA LEU A 378 0.21 -24.21 -4.66
C LEU A 378 0.18 -22.77 -5.18
N SER A 379 0.68 -21.83 -4.38
CA SER A 379 0.79 -20.43 -4.79
C SER A 379 1.69 -20.27 -6.03
N GLU A 380 2.86 -20.91 -6.02
CA GLU A 380 3.71 -20.93 -7.23
C GLU A 380 2.94 -21.40 -8.45
N ILE A 381 2.19 -22.47 -8.29
CA ILE A 381 1.47 -23.04 -9.41
C ILE A 381 0.38 -22.05 -9.88
N VAL A 382 -0.35 -21.43 -8.96
CA VAL A 382 -1.32 -20.41 -9.37
C VAL A 382 -0.66 -19.30 -10.18
N LEU A 383 0.43 -18.76 -9.64
CA LEU A 383 1.12 -17.67 -10.32
C LEU A 383 1.57 -18.09 -11.71
N SER A 384 2.06 -19.31 -11.84
N SER A 384 2.06 -19.32 -11.83
CA SER A 384 2.51 -19.80 -13.13
CA SER A 384 2.50 -19.87 -13.12
C SER A 384 1.39 -19.91 -14.17
C SER A 384 1.39 -19.89 -14.16
N LYS A 385 0.16 -20.12 -13.73
CA LYS A 385 -0.98 -20.16 -14.64
C LYS A 385 -1.57 -18.79 -14.92
N ILE A 386 -1.58 -17.89 -13.95
CA ILE A 386 -2.29 -16.63 -14.13
C ILE A 386 -1.43 -15.50 -14.67
N ILE A 387 -0.13 -15.52 -14.38
CA ILE A 387 0.77 -14.48 -14.92
C ILE A 387 0.71 -14.42 -16.47
N PRO A 388 0.76 -15.56 -17.17
CA PRO A 388 0.64 -15.45 -18.64
C PRO A 388 -0.71 -14.94 -19.14
N GLU A 389 -1.75 -15.09 -18.32
CA GLU A 389 -3.14 -14.72 -18.65
C GLU A 389 -3.47 -13.27 -18.35
N VAL A 390 -2.75 -12.66 -17.41
CA VAL A 390 -3.13 -11.37 -16.85
C VAL A 390 -1.88 -10.49 -16.82
N PRO A 391 -1.69 -9.67 -17.88
CA PRO A 391 -0.42 -8.93 -18.00
C PRO A 391 -0.18 -7.90 -16.90
N GLU A 392 -1.26 -7.41 -16.29
CA GLU A 392 -1.14 -6.42 -15.23
C GLU A 392 -0.68 -7.00 -13.89
N ILE A 393 -0.48 -8.32 -13.81
CA ILE A 393 0.18 -8.89 -12.63
C ILE A 393 1.69 -8.75 -12.76
N ILE A 394 2.31 -8.06 -11.79
CA ILE A 394 3.76 -8.08 -11.60
C ILE A 394 4.00 -8.27 -10.10
N GLY A 395 5.19 -8.69 -9.72
CA GLY A 395 5.48 -8.82 -8.31
C GLY A 395 6.89 -9.26 -8.06
N GLY A 396 7.19 -9.56 -6.80
CA GLY A 396 8.55 -9.91 -6.44
C GLY A 396 8.64 -10.54 -5.09
N SER A 397 9.88 -10.64 -4.60
CA SER A 397 10.16 -11.14 -3.25
C SER A 397 11.29 -10.36 -2.64
N ALA A 398 11.26 -10.28 -1.32
CA ALA A 398 12.32 -9.63 -0.55
C ALA A 398 13.44 -10.64 -0.26
N ASP A 399 14.19 -10.97 -1.31
CA ASP A 399 15.31 -11.95 -1.23
C ASP A 399 14.88 -13.32 -0.75
N LEU A 400 13.65 -13.74 -1.07
CA LEU A 400 13.19 -15.07 -0.71
C LEU A 400 12.56 -15.79 -1.89
N THR A 401 12.99 -15.47 -3.10
CA THR A 401 12.38 -16.06 -4.28
C THR A 401 12.33 -17.59 -4.29
N PRO A 402 13.44 -18.29 -3.97
CA PRO A 402 13.38 -19.75 -3.99
C PRO A 402 12.73 -20.40 -2.76
N SER A 403 12.33 -19.59 -1.76
N SER A 403 12.28 -19.57 -1.81
CA SER A 403 11.60 -20.08 -0.58
CA SER A 403 11.63 -20.03 -0.60
C SER A 403 10.12 -19.71 -0.63
C SER A 403 10.15 -19.69 -0.59
N ASN A 404 9.82 -18.48 -1.03
CA ASN A 404 8.41 -18.07 -1.19
C ASN A 404 7.79 -18.68 -2.46
N LEU A 405 8.62 -18.98 -3.46
CA LEU A 405 8.20 -19.57 -4.74
C LEU A 405 7.31 -18.63 -5.55
N THR A 406 7.78 -17.38 -5.65
CA THR A 406 7.00 -16.27 -6.19
C THR A 406 7.27 -15.93 -7.66
N LYS A 407 8.27 -16.56 -8.29
CA LYS A 407 8.58 -16.27 -9.68
C LYS A 407 8.04 -17.39 -10.59
N ALA A 408 7.30 -17.01 -11.62
CA ALA A 408 6.89 -17.97 -12.65
C ALA A 408 8.07 -18.29 -13.57
N LYS A 409 8.33 -19.59 -13.75
CA LYS A 409 9.41 -20.02 -14.64
C LYS A 409 9.22 -19.41 -16.03
N GLY A 410 10.30 -18.91 -16.60
CA GLY A 410 10.27 -18.35 -17.94
C GLY A 410 10.04 -16.86 -18.01
N THR A 411 9.72 -16.22 -16.89
CA THR A 411 9.57 -14.78 -16.90
C THR A 411 10.91 -14.11 -16.69
N VAL A 412 10.96 -12.85 -17.10
CA VAL A 412 12.15 -12.03 -17.02
C VAL A 412 12.02 -11.05 -15.86
N ASP A 413 13.15 -10.77 -15.21
CA ASP A 413 13.13 -9.84 -14.10
C ASP A 413 13.02 -8.40 -14.59
N PHE A 414 12.35 -7.58 -13.79
CA PHE A 414 12.35 -6.14 -13.97
C PHE A 414 13.70 -5.60 -13.54
N GLN A 415 14.52 -5.21 -14.52
CA GLN A 415 15.83 -4.61 -14.31
C GLN A 415 16.08 -3.65 -15.46
N PRO A 416 16.92 -2.64 -15.28
CA PRO A 416 17.35 -1.89 -16.47
C PRO A 416 18.13 -2.80 -17.41
N ALA A 417 17.82 -2.75 -18.69
CA ALA A 417 18.52 -3.58 -19.67
C ALA A 417 20.02 -3.38 -19.66
N ALA A 418 20.48 -2.18 -19.28
CA ALA A 418 21.91 -1.91 -19.21
C ALA A 418 22.65 -2.90 -18.32
N THR A 419 21.98 -3.47 -17.32
CA THR A 419 22.60 -4.43 -16.42
C THR A 419 22.78 -5.82 -17.02
N GLY A 420 22.02 -6.13 -18.09
CA GLY A 420 21.97 -7.48 -18.64
C GLY A 420 21.21 -8.49 -17.79
N LEU A 421 20.57 -8.05 -16.71
CA LEU A 421 19.95 -8.95 -15.72
C LEU A 421 18.43 -9.04 -15.87
N GLY A 422 17.87 -8.29 -16.81
CA GLY A 422 16.44 -8.19 -16.98
C GLY A 422 16.14 -7.06 -17.95
N ASP A 423 14.91 -6.60 -17.94
CA ASP A 423 14.52 -5.46 -18.77
C ASP A 423 13.32 -4.80 -18.03
N TYR A 424 13.02 -3.56 -18.35
CA TYR A 424 11.89 -2.89 -17.79
C TYR A 424 10.56 -3.51 -18.18
N SER A 425 10.52 -4.29 -19.27
CA SER A 425 9.31 -5.05 -19.59
C SER A 425 9.12 -6.27 -18.71
N GLY A 426 10.13 -6.58 -17.89
CA GLY A 426 10.06 -7.74 -17.01
C GLY A 426 8.94 -7.64 -15.99
N ARG A 427 8.66 -8.79 -15.38
CA ARG A 427 7.52 -8.90 -14.49
C ARG A 427 7.83 -9.33 -13.09
N TYR A 428 9.11 -9.58 -12.79
CA TYR A 428 9.53 -10.10 -11.51
C TYR A 428 10.56 -9.18 -10.88
N ILE A 429 10.29 -8.74 -9.65
CA ILE A 429 11.10 -7.71 -9.00
C ILE A 429 11.94 -8.33 -7.88
N ARG A 430 13.26 -8.11 -7.96
CA ARG A 430 14.18 -8.53 -6.91
C ARG A 430 14.26 -7.40 -5.89
N TYR A 431 13.43 -7.47 -4.85
CA TYR A 431 13.37 -6.38 -3.88
C TYR A 431 14.58 -6.34 -2.94
N GLY A 432 15.34 -7.44 -2.83
CA GLY A 432 16.36 -7.53 -1.80
C GLY A 432 15.73 -7.63 -0.42
N VAL A 433 16.55 -7.50 0.63
CA VAL A 433 16.07 -7.73 2.00
C VAL A 433 15.47 -6.43 2.55
N ARG A 434 14.29 -6.08 2.00
CA ARG A 434 13.71 -4.74 2.11
C ARG A 434 12.19 -4.84 2.22
N GLU A 435 11.70 -5.51 3.27
CA GLU A 435 10.26 -5.76 3.33
C GLU A 435 9.45 -4.47 3.42
N HIS A 436 9.91 -3.53 4.24
CA HIS A 436 9.14 -2.32 4.43
C HIS A 436 9.03 -1.51 3.15
N ALA A 437 10.15 -1.30 2.49
CA ALA A 437 10.11 -0.60 1.21
C ALA A 437 9.33 -1.38 0.18
N MET A 438 9.44 -2.71 0.18
CA MET A 438 8.63 -3.50 -0.73
C MET A 438 7.14 -3.18 -0.53
N GLY A 439 6.70 -3.15 0.73
CA GLY A 439 5.32 -2.82 1.00
C GLY A 439 4.88 -1.46 0.49
N ALA A 440 5.72 -0.46 0.69
CA ALA A 440 5.40 0.91 0.26
C ALA A 440 5.54 1.07 -1.27
N ILE A 441 6.48 0.37 -1.87
CA ILE A 441 6.62 0.32 -3.32
C ILE A 441 5.38 -0.34 -3.94
N MET A 442 4.91 -1.44 -3.35
CA MET A 442 3.67 -2.05 -3.83
C MET A 442 2.52 -1.05 -3.82
N ASN A 443 2.43 -0.24 -2.77
CA ASN A 443 1.39 0.78 -2.74
C ASN A 443 1.54 1.77 -3.90
N GLY A 444 2.77 2.18 -4.19
CA GLY A 444 3.01 3.04 -5.35
C GLY A 444 2.66 2.43 -6.69
N ILE A 445 2.97 1.15 -6.87
CA ILE A 445 2.60 0.45 -8.10
C ILE A 445 1.08 0.44 -8.25
N ALA A 446 0.37 0.12 -7.16
CA ALA A 446 -1.08 0.18 -7.20
C ALA A 446 -1.57 1.57 -7.52
N ALA A 447 -0.95 2.58 -6.90
CA ALA A 447 -1.36 3.97 -7.10
C ALA A 447 -1.16 4.43 -8.54
N PHE A 448 -0.16 3.89 -9.24
CA PHE A 448 0.01 4.22 -10.65
C PHE A 448 -1.27 4.02 -11.43
N GLY A 449 -1.96 2.91 -11.17
CA GLY A 449 -3.21 2.59 -11.80
C GLY A 449 -3.02 1.55 -12.90
N ALA A 450 -3.75 1.72 -14.01
CA ALA A 450 -3.71 0.79 -15.14
C ALA A 450 -3.98 -0.66 -14.72
N ASN A 451 -4.79 -0.82 -13.69
CA ASN A 451 -5.20 -2.13 -13.21
C ASN A 451 -4.07 -2.99 -12.66
N TYR A 452 -2.90 -2.41 -12.32
CA TYR A 452 -1.83 -3.23 -11.77
C TYR A 452 -2.31 -4.00 -10.53
N LYS A 453 -2.02 -5.29 -10.56
CA LYS A 453 -2.32 -6.23 -9.47
C LYS A 453 -0.98 -6.79 -9.05
N ASN A 454 -0.37 -6.19 -8.01
CA ASN A 454 1.01 -6.49 -7.71
C ASN A 454 1.20 -7.13 -6.35
N TYR A 455 2.26 -7.92 -6.24
CA TYR A 455 2.46 -8.75 -5.06
C TYR A 455 3.91 -8.73 -4.59
N GLY A 456 4.09 -9.15 -3.34
CA GLY A 456 5.41 -9.15 -2.71
C GLY A 456 5.50 -10.30 -1.74
N GLY A 457 6.58 -11.09 -1.88
CA GLY A 457 6.80 -12.24 -1.05
C GLY A 457 7.78 -12.01 0.08
N THR A 458 7.45 -12.53 1.26
CA THR A 458 8.40 -12.72 2.33
C THR A 458 7.83 -13.78 3.28
N PHE A 459 8.57 -14.11 4.33
CA PHE A 459 7.99 -14.95 5.39
C PHE A 459 6.95 -14.15 6.14
N LEU A 460 5.83 -14.79 6.51
CA LEU A 460 4.79 -14.09 7.25
C LEU A 460 5.31 -13.32 8.46
N ASN A 461 6.25 -13.90 9.22
CA ASN A 461 6.74 -13.21 10.40
C ASN A 461 7.40 -11.87 10.09
N PHE A 462 7.97 -11.74 8.89
CA PHE A 462 8.65 -10.51 8.49
C PHE A 462 7.79 -9.56 7.68
N VAL A 463 6.54 -9.91 7.40
CA VAL A 463 5.58 -8.90 6.98
C VAL A 463 5.51 -7.81 8.06
N SER A 464 5.72 -8.21 9.30
CA SER A 464 5.70 -7.27 10.43
C SER A 464 6.73 -6.15 10.31
N TYR A 465 7.85 -6.40 9.62
CA TYR A 465 8.84 -5.34 9.38
C TYR A 465 8.26 -4.20 8.55
N ALA A 466 7.20 -4.50 7.80
CA ALA A 466 6.56 -3.59 6.85
C ALA A 466 5.24 -3.05 7.34
N ALA A 467 4.94 -3.21 8.63
CA ALA A 467 3.64 -2.79 9.15
C ALA A 467 3.28 -1.35 8.82
N GLY A 468 4.25 -0.43 8.83
CA GLY A 468 3.96 0.95 8.49
C GLY A 468 3.27 1.10 7.14
N ALA A 469 3.79 0.39 6.15
CA ALA A 469 3.23 0.38 4.81
C ALA A 469 1.95 -0.45 4.68
N VAL A 470 1.89 -1.60 5.36
CA VAL A 470 0.74 -2.48 5.23
C VAL A 470 -0.52 -1.75 5.72
N ARG A 471 -0.39 -1.06 6.85
CA ARG A 471 -1.52 -0.34 7.38
C ARG A 471 -2.01 0.71 6.37
N LEU A 472 -1.07 1.35 5.70
CA LEU A 472 -1.43 2.32 4.67
C LEU A 472 -2.05 1.67 3.43
N SER A 473 -1.70 0.43 3.12
CA SER A 473 -2.42 -0.26 2.04
C SER A 473 -3.91 -0.34 2.37
N ALA A 474 -4.20 -0.63 3.64
CA ALA A 474 -5.57 -0.74 4.11
C ALA A 474 -6.30 0.60 4.10
N LEU A 475 -5.67 1.62 4.67
CA LEU A 475 -6.27 2.95 4.73
C LEU A 475 -6.44 3.56 3.33
N SER A 476 -5.49 3.29 2.43
CA SER A 476 -5.51 3.82 1.07
C SER A 476 -6.35 3.02 0.11
N GLU A 477 -6.82 1.85 0.55
CA GLU A 477 -7.68 0.97 -0.26
C GLU A 477 -6.99 0.48 -1.52
N PHE A 478 -5.73 0.06 -1.38
CA PHE A 478 -4.99 -0.46 -2.52
C PHE A 478 -4.99 -1.98 -2.57
N PRO A 479 -5.27 -2.55 -3.76
CA PRO A 479 -5.32 -4.00 -3.94
C PRO A 479 -3.93 -4.59 -4.19
N ILE A 480 -3.13 -4.56 -3.14
CA ILE A 480 -1.81 -5.18 -3.14
C ILE A 480 -1.91 -6.53 -2.46
N THR A 481 -0.93 -7.39 -2.69
CA THR A 481 -0.95 -8.74 -2.14
C THR A 481 0.39 -9.14 -1.58
N TRP A 482 0.39 -9.59 -0.33
CA TRP A 482 1.54 -10.20 0.31
C TRP A 482 1.46 -11.71 0.16
N VAL A 483 2.52 -12.31 -0.38
CA VAL A 483 2.65 -13.76 -0.49
C VAL A 483 3.52 -14.15 0.70
N ALA A 484 2.87 -14.51 1.79
CA ALA A 484 3.49 -14.56 3.11
C ALA A 484 3.62 -16.02 3.54
N THR A 485 4.76 -16.62 3.16
CA THR A 485 4.94 -18.04 3.36
C THR A 485 5.51 -18.34 4.75
N HIS A 486 5.68 -19.63 5.06
CA HIS A 486 6.27 -20.04 6.34
C HIS A 486 5.44 -19.48 7.50
N ASP A 487 4.14 -19.80 7.43
CA ASP A 487 3.15 -19.11 8.24
C ASP A 487 3.12 -19.43 9.74
N SER A 488 3.79 -20.51 10.18
CA SER A 488 3.59 -20.95 11.56
C SER A 488 4.78 -21.77 12.03
N ILE A 489 4.63 -22.36 13.21
CA ILE A 489 5.52 -23.42 13.71
C ILE A 489 5.74 -24.55 12.70
N GLY A 490 4.84 -24.71 11.73
CA GLY A 490 5.05 -25.64 10.63
C GLY A 490 6.32 -25.44 9.83
N LEU A 491 6.94 -24.26 9.94
CA LEU A 491 8.22 -24.05 9.26
C LEU A 491 9.36 -24.81 9.94
N GLY A 492 9.21 -25.15 11.22
CA GLY A 492 10.19 -26.02 11.88
C GLY A 492 11.45 -25.33 12.39
N GLU A 493 12.59 -25.77 11.86
CA GLU A 493 13.88 -25.60 12.53
C GLU A 493 14.34 -24.14 12.67
N ASP A 494 13.94 -23.25 11.77
CA ASP A 494 14.36 -21.84 11.93
C ASP A 494 13.91 -21.25 13.27
N GLY A 495 12.85 -21.78 13.88
CA GLY A 495 12.59 -21.50 15.27
C GLY A 495 11.81 -20.23 15.56
N PRO A 496 11.76 -19.85 16.85
CA PRO A 496 10.78 -18.86 17.29
C PRO A 496 10.98 -17.45 16.76
N THR A 497 12.20 -17.11 16.35
CA THR A 497 12.43 -15.81 15.71
C THR A 497 11.78 -15.70 14.34
N HIS A 498 11.36 -16.84 13.78
CA HIS A 498 10.74 -16.90 12.47
C HIS A 498 9.27 -17.31 12.47
N GLN A 499 8.75 -17.79 13.61
CA GLN A 499 7.42 -18.42 13.65
C GLN A 499 6.37 -17.42 14.12
N PRO A 500 5.43 -17.05 13.26
CA PRO A 500 4.35 -16.13 13.66
C PRO A 500 3.52 -16.63 14.82
N ILE A 501 3.14 -15.70 15.69
CA ILE A 501 2.17 -15.96 16.78
C ILE A 501 1.09 -14.90 16.74
N GLU A 502 1.52 -13.65 16.77
CA GLU A 502 0.67 -12.46 16.84
C GLU A 502 0.25 -11.91 15.48
N THR A 503 0.86 -12.40 14.40
CA THR A 503 0.89 -11.69 13.14
C THR A 503 -0.49 -11.62 12.48
N LEU A 504 -1.20 -12.75 12.44
CA LEU A 504 -2.54 -12.71 11.85
C LEU A 504 -3.49 -11.87 12.67
N ALA A 505 -3.39 -11.94 14.00
CA ALA A 505 -4.25 -11.11 14.84
C ALA A 505 -4.03 -9.63 14.54
N HIS A 506 -2.77 -9.23 14.43
CA HIS A 506 -2.43 -7.84 14.12
C HIS A 506 -3.12 -7.36 12.86
N PHE A 507 -2.95 -8.11 11.78
CA PHE A 507 -3.48 -7.67 10.51
C PHE A 507 -5.00 -7.85 10.39
N ARG A 508 -5.55 -8.90 11.01
CA ARG A 508 -7.01 -9.05 11.04
C ARG A 508 -7.68 -7.95 11.85
N ALA A 509 -6.97 -7.41 12.86
CA ALA A 509 -7.47 -6.32 13.69
C ALA A 509 -7.37 -4.96 13.00
N THR A 510 -6.62 -4.91 11.90
CA THR A 510 -6.53 -3.70 11.09
C THR A 510 -7.74 -3.66 10.17
N PRO A 511 -8.46 -2.53 10.10
CA PRO A 511 -9.57 -2.46 9.15
C PRO A 511 -9.12 -2.70 7.72
N ASN A 512 -9.97 -3.37 6.94
CA ASN A 512 -9.77 -3.51 5.49
C ASN A 512 -8.51 -4.27 5.09
N ILE A 513 -8.22 -5.39 5.78
CA ILE A 513 -7.22 -6.32 5.28
C ILE A 513 -7.82 -7.72 5.21
N SER A 514 -7.78 -8.29 4.01
N SER A 514 -7.85 -8.29 4.00
CA SER A 514 -8.20 -9.65 3.76
CA SER A 514 -8.20 -9.68 3.82
C SER A 514 -7.02 -10.57 4.06
C SER A 514 -6.97 -10.50 4.15
N VAL A 515 -7.15 -11.43 5.09
CA VAL A 515 -6.04 -12.28 5.55
C VAL A 515 -6.44 -13.72 5.24
N TRP A 516 -6.00 -14.18 4.08
CA TRP A 516 -6.34 -15.51 3.60
C TRP A 516 -5.33 -16.52 4.15
N ARG A 517 -5.83 -17.63 4.67
CA ARG A 517 -4.97 -18.71 5.18
C ARG A 517 -5.51 -20.00 4.59
N PRO A 518 -5.22 -20.23 3.30
CA PRO A 518 -5.88 -21.33 2.61
C PRO A 518 -5.40 -22.69 3.10
N ALA A 519 -6.31 -23.64 3.13
CA ALA A 519 -6.00 -24.98 3.62
C ALA A 519 -5.44 -25.91 2.58
N ASP A 520 -5.76 -25.67 1.30
CA ASP A 520 -5.46 -26.65 0.26
C ASP A 520 -5.46 -25.99 -1.11
N GLY A 521 -5.40 -26.80 -2.17
CA GLY A 521 -5.33 -26.28 -3.51
C GLY A 521 -6.51 -25.44 -3.92
N ASN A 522 -7.73 -25.92 -3.69
CA ASN A 522 -8.88 -25.12 -4.06
C ASN A 522 -8.98 -23.82 -3.27
N GLU A 523 -8.67 -23.86 -1.98
CA GLU A 523 -8.72 -22.63 -1.20
C GLU A 523 -7.65 -21.63 -1.65
N THR A 524 -6.49 -22.13 -2.07
CA THR A 524 -5.41 -21.24 -2.52
C THR A 524 -5.83 -20.52 -3.80
N SER A 525 -6.51 -21.24 -4.69
CA SER A 525 -7.07 -20.59 -5.89
C SER A 525 -8.14 -19.56 -5.56
N ALA A 526 -9.00 -19.85 -4.58
CA ALA A 526 -9.98 -18.85 -4.15
C ALA A 526 -9.31 -17.61 -3.57
N ALA A 527 -8.22 -17.80 -2.82
CA ALA A 527 -7.49 -16.68 -2.21
C ALA A 527 -6.94 -15.77 -3.30
N TYR A 528 -6.32 -16.36 -4.33
CA TYR A 528 -5.82 -15.58 -5.45
C TYR A 528 -6.95 -14.93 -6.25
N LYS A 529 -8.08 -15.62 -6.43
CA LYS A 529 -9.19 -14.99 -7.15
C LYS A 529 -9.60 -13.70 -6.43
N SER A 530 -9.70 -13.76 -5.11
CA SER A 530 -10.00 -12.59 -4.32
C SER A 530 -8.93 -11.50 -4.44
N ALA A 531 -7.67 -11.90 -4.32
CA ALA A 531 -6.56 -10.96 -4.33
C ALA A 531 -6.44 -10.19 -5.64
N ILE A 532 -6.64 -10.90 -6.76
CA ILE A 532 -6.52 -10.31 -8.08
C ILE A 532 -7.75 -9.50 -8.47
N GLU A 533 -8.93 -9.97 -8.08
CA GLU A 533 -10.16 -9.21 -8.35
C GLU A 533 -10.31 -7.98 -7.48
N SER A 534 -9.59 -7.93 -6.36
CA SER A 534 -9.68 -6.80 -5.46
C SER A 534 -9.42 -5.48 -6.18
N THR A 535 -10.23 -4.49 -5.82
CA THR A 535 -9.96 -3.11 -6.22
C THR A 535 -9.74 -2.18 -5.03
N HIS A 536 -10.17 -2.56 -3.82
CA HIS A 536 -10.10 -1.65 -2.66
C HIS A 536 -9.55 -2.27 -1.39
N THR A 537 -9.09 -3.53 -1.42
CA THR A 537 -8.74 -4.23 -0.20
C THR A 537 -7.42 -4.99 -0.36
N PRO A 538 -6.40 -4.62 0.42
CA PRO A 538 -5.16 -5.39 0.37
C PRO A 538 -5.35 -6.80 0.93
N HIS A 539 -4.54 -7.71 0.42
CA HIS A 539 -4.57 -9.12 0.78
C HIS A 539 -3.23 -9.55 1.36
N ILE A 540 -3.31 -10.38 2.40
CA ILE A 540 -2.15 -11.14 2.90
C ILE A 540 -2.53 -12.61 2.75
N LEU A 541 -1.71 -13.36 2.02
N LEU A 541 -1.71 -13.36 2.02
CA LEU A 541 -1.91 -14.80 1.85
CA LEU A 541 -1.90 -14.79 1.83
C LEU A 541 -0.89 -15.52 2.73
C LEU A 541 -0.89 -15.52 2.73
N ALA A 542 -1.40 -16.13 3.80
CA ALA A 542 -0.57 -16.86 4.78
C ALA A 542 -0.45 -18.30 4.29
N LEU A 543 0.76 -18.69 3.92
CA LEU A 543 1.02 -19.93 3.18
C LEU A 543 2.02 -20.79 3.93
N THR A 544 1.93 -22.10 3.70
CA THR A 544 2.74 -23.04 4.47
C THR A 544 4.04 -23.44 3.78
N ARG A 545 5.03 -23.76 4.61
CA ARG A 545 6.20 -24.52 4.18
C ARG A 545 5.89 -26.01 3.98
N GLN A 546 5.09 -26.56 4.89
CA GLN A 546 4.83 -27.99 4.95
C GLN A 546 3.65 -28.42 4.08
N ASN A 547 3.66 -29.67 3.65
CA ASN A 547 2.59 -30.20 2.83
C ASN A 547 1.27 -30.36 3.57
N LEU A 548 0.17 -30.11 2.86
CA LEU A 548 -1.20 -30.30 3.39
C LEU A 548 -2.02 -31.11 2.38
N PRO A 549 -2.93 -31.94 2.88
CA PRO A 549 -3.74 -32.74 1.97
C PRO A 549 -4.82 -31.93 1.25
N GLN A 550 -5.24 -32.40 0.09
CA GLN A 550 -6.45 -31.84 -0.55
C GLN A 550 -7.67 -32.28 0.24
N LEU A 551 -8.57 -31.35 0.52
CA LEU A 551 -9.71 -31.63 1.38
C LEU A 551 -10.93 -32.13 0.63
N GLU A 552 -11.59 -33.12 1.20
CA GLU A 552 -12.92 -33.50 0.76
C GLU A 552 -13.88 -32.38 1.14
N GLY A 553 -14.55 -31.80 0.14
CA GLY A 553 -15.52 -30.75 0.36
C GLY A 553 -15.08 -29.34 0.01
N SER A 554 -13.80 -29.14 -0.32
CA SER A 554 -13.36 -27.80 -0.71
C SER A 554 -13.65 -27.54 -2.19
N SER A 555 -13.79 -26.26 -2.52
CA SER A 555 -13.95 -25.80 -3.89
C SER A 555 -13.60 -24.33 -3.91
N ILE A 556 -13.29 -23.81 -5.09
CA ILE A 556 -13.15 -22.37 -5.25
C ILE A 556 -14.47 -21.69 -4.88
N GLU A 557 -15.59 -22.23 -5.35
CA GLU A 557 -16.89 -21.60 -5.09
C GLU A 557 -17.13 -21.42 -3.59
N LYS A 558 -16.97 -22.49 -2.81
CA LYS A 558 -17.26 -22.37 -1.37
C LYS A 558 -16.22 -21.52 -0.66
N ALA A 559 -14.95 -21.69 -0.99
CA ALA A 559 -13.90 -20.94 -0.30
C ALA A 559 -13.99 -19.45 -0.60
N SER A 560 -14.54 -19.09 -1.76
N SER A 560 -14.57 -19.09 -1.75
CA SER A 560 -14.74 -17.68 -2.11
CA SER A 560 -14.78 -17.68 -2.11
C SER A 560 -15.71 -16.94 -1.20
C SER A 560 -15.70 -16.93 -1.16
N LYS A 561 -16.46 -17.66 -0.36
CA LYS A 561 -17.32 -17.04 0.65
C LYS A 561 -16.55 -16.69 1.93
N GLY A 562 -15.25 -17.00 2.00
CA GLY A 562 -14.44 -16.64 3.16
C GLY A 562 -14.51 -17.66 4.28
N GLY A 563 -15.71 -18.18 4.54
CA GLY A 563 -15.91 -19.25 5.48
C GLY A 563 -17.01 -20.13 4.96
N TYR A 564 -16.90 -21.43 5.16
CA TYR A 564 -17.90 -22.36 4.64
C TYR A 564 -17.90 -23.64 5.47
N THR A 565 -19.02 -24.37 5.37
CA THR A 565 -19.15 -25.65 6.02
C THR A 565 -18.43 -26.68 5.16
N LEU A 566 -17.32 -27.22 5.68
CA LEU A 566 -16.56 -28.24 4.99
C LEU A 566 -17.20 -29.61 5.21
N VAL A 567 -17.46 -29.96 6.47
CA VAL A 567 -18.13 -31.19 6.85
C VAL A 567 -19.38 -30.80 7.61
N GLN A 568 -20.55 -31.08 7.00
CA GLN A 568 -21.85 -30.82 7.62
C GLN A 568 -22.23 -32.02 8.47
N GLN A 569 -22.66 -31.77 9.69
CA GLN A 569 -23.15 -32.81 10.59
C GLN A 569 -24.45 -32.32 11.21
N ASP A 570 -25.58 -32.85 10.74
CA ASP A 570 -26.87 -32.38 11.22
C ASP A 570 -27.14 -32.66 12.69
N LYS A 571 -26.46 -33.64 13.28
CA LYS A 571 -26.64 -33.84 14.72
C LYS A 571 -25.35 -33.54 15.47
N ALA A 572 -24.70 -32.45 15.11
CA ALA A 572 -23.41 -32.14 15.70
C ALA A 572 -23.50 -31.87 17.19
N ASP A 573 -22.58 -32.48 17.92
CA ASP A 573 -22.32 -32.12 19.31
C ASP A 573 -21.41 -30.90 19.42
N ILE A 574 -20.64 -30.64 18.35
CA ILE A 574 -19.68 -29.54 18.33
C ILE A 574 -19.36 -29.25 16.88
N ILE A 575 -19.03 -28.00 16.59
CA ILE A 575 -18.46 -27.61 15.31
C ILE A 575 -17.04 -27.12 15.60
N ILE A 576 -16.09 -27.60 14.78
CA ILE A 576 -14.71 -27.15 14.86
C ILE A 576 -14.49 -26.20 13.68
N VAL A 577 -14.09 -24.97 13.98
CA VAL A 577 -13.78 -23.98 12.94
C VAL A 577 -12.26 -23.84 12.91
N ALA A 578 -11.67 -23.85 11.72
CA ALA A 578 -10.21 -23.84 11.60
C ALA A 578 -9.82 -23.15 10.30
N THR A 579 -8.52 -22.87 10.20
CA THR A 579 -7.95 -22.29 8.99
C THR A 579 -6.70 -23.05 8.59
N GLY A 580 -6.33 -22.92 7.31
CA GLY A 580 -5.02 -23.33 6.87
C GLY A 580 -4.69 -24.76 7.23
N SER A 581 -3.47 -24.93 7.75
CA SER A 581 -2.98 -26.23 8.17
C SER A 581 -3.82 -26.91 9.24
N GLU A 582 -4.64 -26.16 9.97
CA GLU A 582 -5.43 -26.75 11.04
C GLU A 582 -6.77 -27.30 10.57
N VAL A 583 -7.16 -27.07 9.31
CA VAL A 583 -8.41 -27.67 8.82
C VAL A 583 -8.26 -29.19 8.70
N SER A 584 -7.16 -29.65 8.11
CA SER A 584 -6.89 -31.08 8.02
C SER A 584 -6.81 -31.71 9.42
N LEU A 585 -6.19 -30.98 10.36
CA LEU A 585 -6.13 -31.41 11.74
C LEU A 585 -7.54 -31.59 12.33
N ALA A 586 -8.41 -30.63 12.08
CA ALA A 586 -9.81 -30.73 12.54
C ALA A 586 -10.53 -31.93 11.94
N VAL A 587 -10.32 -32.19 10.65
CA VAL A 587 -10.91 -33.36 10.00
C VAL A 587 -10.42 -34.66 10.65
N ASP A 588 -9.12 -34.74 10.93
CA ASP A 588 -8.59 -35.91 11.62
C ASP A 588 -9.15 -36.02 13.04
N ALA A 589 -9.31 -34.89 13.73
CA ALA A 589 -9.90 -34.88 15.07
C ALA A 589 -11.36 -35.36 15.05
N LEU A 590 -12.10 -35.03 14.00
CA LEU A 590 -13.47 -35.50 13.84
C LEU A 590 -13.51 -37.03 13.93
N LYS A 591 -12.56 -37.70 13.29
CA LYS A 591 -12.51 -39.16 13.31
C LYS A 591 -12.21 -39.71 14.70
N VAL A 592 -11.27 -39.07 15.42
CA VAL A 592 -11.00 -39.47 16.81
C VAL A 592 -12.26 -39.29 17.66
N LEU A 593 -12.97 -38.18 17.48
CA LEU A 593 -14.17 -37.88 18.26
C LEU A 593 -15.27 -38.89 17.99
N GLU A 594 -15.40 -39.33 16.75
CA GLU A 594 -16.38 -40.37 16.42
C GLU A 594 -16.18 -41.62 17.30
N GLY A 595 -14.92 -42.01 17.54
CA GLY A 595 -14.61 -43.14 18.42
C GLY A 595 -14.93 -42.93 19.89
N GLN A 596 -15.02 -41.66 20.27
CA GLN A 596 -15.45 -41.23 21.61
C GLN A 596 -16.97 -40.97 21.70
N GLY A 597 -17.71 -41.28 20.64
CA GLY A 597 -19.15 -41.02 20.60
C GLY A 597 -19.56 -39.57 20.47
N ILE A 598 -18.68 -38.73 19.92
CA ILE A 598 -18.95 -37.31 19.71
C ILE A 598 -18.97 -37.02 18.21
N LYS A 599 -20.04 -36.38 17.76
CA LYS A 599 -20.23 -36.01 16.36
C LYS A 599 -19.84 -34.57 16.14
N ALA A 600 -18.87 -34.34 15.26
CA ALA A 600 -18.41 -32.99 14.95
C ALA A 600 -18.68 -32.60 13.51
N GLY A 601 -18.94 -31.31 13.31
CA GLY A 601 -18.84 -30.70 11.99
C GLY A 601 -17.53 -29.92 11.89
N VAL A 602 -17.15 -29.58 10.66
CA VAL A 602 -15.96 -28.77 10.43
C VAL A 602 -16.31 -27.59 9.53
N VAL A 603 -15.88 -26.41 9.94
CA VAL A 603 -15.93 -25.17 9.15
C VAL A 603 -14.50 -24.76 8.81
N SER A 604 -14.30 -24.41 7.53
CA SER A 604 -13.03 -23.80 7.11
C SER A 604 -13.27 -22.31 6.94
N LEU A 605 -12.38 -21.50 7.50
CA LEU A 605 -12.52 -20.04 7.50
C LEU A 605 -11.31 -19.37 6.85
N PRO A 606 -11.10 -19.59 5.55
CA PRO A 606 -9.89 -19.08 4.91
C PRO A 606 -9.72 -17.57 4.93
N ASP A 607 -10.79 -16.77 4.96
CA ASP A 607 -10.63 -15.32 5.17
C ASP A 607 -11.76 -14.80 6.02
N GLN A 608 -11.39 -14.31 7.21
CA GLN A 608 -12.38 -13.75 8.13
C GLN A 608 -13.05 -12.48 7.60
N LEU A 609 -12.32 -11.64 6.88
CA LEU A 609 -12.95 -10.42 6.34
C LEU A 609 -14.01 -10.76 5.28
N THR A 610 -13.64 -11.59 4.31
CA THR A 610 -14.60 -12.02 3.30
C THR A 610 -15.81 -12.66 3.95
N PHE A 611 -15.59 -13.54 4.93
CA PHE A 611 -16.70 -14.15 5.65
C PHE A 611 -17.61 -13.12 6.29
N ASP A 612 -17.02 -12.15 6.98
CA ASP A 612 -17.80 -11.12 7.69
C ASP A 612 -18.72 -10.37 6.73
N LYS A 613 -18.27 -10.19 5.49
CA LYS A 613 -19.04 -9.46 4.46
C LYS A 613 -20.19 -10.23 3.86
N GLN A 614 -20.31 -11.53 4.16
CA GLN A 614 -21.43 -12.32 3.65
C GLN A 614 -22.70 -11.95 4.42
N SER A 615 -23.85 -12.38 3.90
CA SER A 615 -25.12 -12.08 4.55
C SER A 615 -25.19 -12.73 5.93
N GLU A 616 -26.00 -12.15 6.81
CA GLU A 616 -26.18 -12.71 8.13
C GLU A 616 -26.71 -14.15 8.07
N GLU A 617 -27.63 -14.41 7.14
CA GLU A 617 -28.18 -15.74 7.00
C GLU A 617 -27.12 -16.73 6.53
N TYR A 618 -26.28 -16.34 5.58
CA TYR A 618 -25.20 -17.21 5.14
C TYR A 618 -24.29 -17.53 6.33
N LYS A 619 -23.89 -16.49 7.05
CA LYS A 619 -22.96 -16.68 8.17
C LYS A 619 -23.54 -17.62 9.23
N LEU A 620 -24.83 -17.45 9.53
CA LEU A 620 -25.49 -18.33 10.50
C LEU A 620 -25.64 -19.77 10.00
N SER A 621 -25.71 -19.97 8.68
CA SER A 621 -25.71 -21.34 8.14
C SER A 621 -24.37 -22.05 8.40
N VAL A 622 -23.30 -21.28 8.55
CA VAL A 622 -21.96 -21.80 8.83
C VAL A 622 -21.72 -21.94 10.33
N LEU A 623 -22.17 -20.95 11.11
CA LEU A 623 -21.98 -20.92 12.57
C LEU A 623 -23.35 -20.78 13.22
N PRO A 624 -24.13 -21.87 13.26
CA PRO A 624 -25.51 -21.77 13.76
C PRO A 624 -25.59 -21.65 15.27
N ASP A 625 -26.77 -21.25 15.75
CA ASP A 625 -27.13 -21.35 17.15
C ASP A 625 -27.23 -22.82 17.58
N GLY A 626 -27.16 -23.05 18.88
CA GLY A 626 -27.50 -24.34 19.47
C GLY A 626 -26.43 -25.39 19.46
N VAL A 627 -25.18 -24.99 19.22
CA VAL A 627 -24.10 -25.96 19.20
C VAL A 627 -22.80 -25.28 19.60
N PRO A 628 -22.03 -25.90 20.53
CA PRO A 628 -20.72 -25.31 20.85
C PRO A 628 -19.80 -25.31 19.63
N ILE A 629 -18.97 -24.28 19.57
CA ILE A 629 -18.04 -24.08 18.46
C ILE A 629 -16.64 -23.85 19.07
N LEU A 630 -15.68 -24.66 18.61
CA LEU A 630 -14.29 -24.60 19.02
C LEU A 630 -13.44 -24.15 17.82
N SER A 631 -12.63 -23.11 18.00
CA SER A 631 -11.66 -22.73 16.96
C SER A 631 -10.33 -23.42 17.16
N VAL A 632 -9.63 -23.70 16.05
CA VAL A 632 -8.29 -24.30 16.08
C VAL A 632 -7.44 -23.58 15.03
N GLU A 633 -6.37 -22.94 15.50
CA GLU A 633 -5.43 -22.24 14.61
C GLU A 633 -4.15 -22.10 15.44
N VAL A 634 -3.00 -22.47 14.89
CA VAL A 634 -1.76 -22.59 15.68
C VAL A 634 -1.03 -21.26 15.90
N MET A 635 -1.80 -20.25 16.31
N MET A 635 -1.79 -20.25 16.29
CA MET A 635 -1.36 -18.87 16.47
CA MET A 635 -1.23 -18.96 16.66
C MET A 635 -2.24 -18.26 17.54
C MET A 635 -2.26 -18.24 17.54
N SER A 636 -2.12 -16.94 17.74
CA SER A 636 -2.91 -16.24 18.75
C SER A 636 -4.40 -16.56 18.67
N THR A 637 -5.02 -16.67 19.83
CA THR A 637 -6.47 -16.79 19.87
C THR A 637 -7.22 -15.47 19.73
N PHE A 638 -6.51 -14.34 19.66
CA PHE A 638 -7.21 -13.06 19.49
C PHE A 638 -8.08 -13.04 18.23
N GLY A 639 -9.27 -12.48 18.37
CA GLY A 639 -10.26 -12.39 17.30
C GLY A 639 -11.19 -13.58 17.20
N TRP A 640 -10.75 -14.74 17.66
CA TRP A 640 -11.43 -15.99 17.37
C TRP A 640 -12.78 -16.11 18.06
N SER A 641 -12.99 -15.38 19.14
CA SER A 641 -14.28 -15.35 19.80
C SER A 641 -15.40 -14.75 18.96
N LYS A 642 -15.05 -14.07 17.86
CA LYS A 642 -16.07 -13.67 16.89
C LYS A 642 -16.82 -14.87 16.32
N TYR A 643 -16.14 -16.02 16.27
CA TYR A 643 -16.59 -17.19 15.51
C TYR A 643 -16.75 -18.46 16.34
N SER A 644 -16.40 -18.40 17.62
CA SER A 644 -16.28 -19.59 18.46
C SER A 644 -16.59 -19.28 19.91
N HIS A 645 -16.96 -20.31 20.66
CA HIS A 645 -17.15 -20.22 22.10
C HIS A 645 -15.87 -20.51 22.87
N GLN A 646 -15.06 -21.44 22.37
CA GLN A 646 -13.79 -21.80 22.98
C GLN A 646 -12.73 -21.76 21.89
N GLN A 647 -11.49 -21.48 22.27
CA GLN A 647 -10.41 -21.31 21.28
C GLN A 647 -9.20 -22.11 21.66
N PHE A 648 -8.72 -22.95 20.76
CA PHE A 648 -7.45 -23.65 20.92
C PHE A 648 -6.46 -22.99 19.97
N GLY A 649 -5.52 -22.27 20.55
CA GLY A 649 -4.48 -21.60 19.81
C GLY A 649 -3.15 -21.70 20.50
N LEU A 650 -2.20 -20.93 19.98
CA LEU A 650 -0.84 -20.89 20.49
C LEU A 650 -0.52 -19.45 20.87
N ASN A 651 -0.43 -19.19 22.17
CA ASN A 651 -0.26 -17.83 22.73
C ASN A 651 1.10 -17.65 23.40
N ARG A 652 2.05 -18.50 23.05
CA ARG A 652 3.45 -18.40 23.48
C ARG A 652 4.32 -18.51 22.24
N PHE A 653 5.59 -18.14 22.36
CA PHE A 653 6.51 -18.28 21.24
C PHE A 653 6.78 -19.75 20.93
N GLY A 654 7.32 -19.99 19.74
CA GLY A 654 7.52 -21.35 19.24
C GLY A 654 8.80 -22.00 19.72
N ALA A 655 9.41 -22.78 18.83
CA ALA A 655 10.56 -23.60 19.19
C ALA A 655 11.33 -23.99 17.95
N SER A 656 12.59 -24.32 18.12
CA SER A 656 13.45 -24.76 17.01
C SER A 656 13.53 -26.28 17.02
N GLY A 657 12.90 -26.91 16.04
CA GLY A 657 12.89 -28.37 15.90
C GLY A 657 12.15 -28.77 14.65
N LYS A 658 12.13 -30.06 14.37
CA LYS A 658 11.36 -30.58 13.23
C LYS A 658 9.87 -30.26 13.46
N ALA A 659 9.22 -29.72 12.44
CA ALA A 659 7.84 -29.21 12.61
C ALA A 659 6.86 -30.19 13.27
N PRO A 660 6.83 -31.46 12.83
CA PRO A 660 5.84 -32.36 13.48
C PRO A 660 6.05 -32.52 14.98
N GLU A 661 7.31 -32.42 15.43
CA GLU A 661 7.62 -32.52 16.85
C GLU A 661 7.13 -31.29 17.62
N ILE A 662 7.14 -30.13 16.97
CA ILE A 662 6.63 -28.90 17.61
C ILE A 662 5.10 -28.99 17.74
N PHE A 663 4.42 -29.46 16.69
CA PHE A 663 2.96 -29.67 16.77
C PHE A 663 2.62 -30.62 17.91
N LYS A 664 3.37 -31.72 18.02
CA LYS A 664 3.15 -32.66 19.12
C LYS A 664 3.39 -32.02 20.49
N LEU A 665 4.47 -31.24 20.62
CA LEU A 665 4.76 -30.58 21.89
C LEU A 665 3.60 -29.72 22.37
N PHE A 666 3.00 -28.97 21.45
CA PHE A 666 1.90 -28.07 21.81
C PHE A 666 0.51 -28.72 21.72
N GLU A 667 0.47 -30.02 21.48
CA GLU A 667 -0.75 -30.82 21.45
C GLU A 667 -1.69 -30.45 20.32
N PHE A 668 -1.14 -29.91 19.23
CA PHE A 668 -1.89 -29.70 17.98
C PHE A 668 -1.82 -30.99 17.17
N THR A 669 -2.54 -31.98 17.70
CA THR A 669 -2.62 -33.32 17.17
C THR A 669 -4.10 -33.71 17.12
N PRO A 670 -4.45 -34.74 16.35
CA PRO A 670 -5.87 -35.12 16.34
C PRO A 670 -6.41 -35.41 17.74
N GLU A 671 -5.59 -36.04 18.57
CA GLU A 671 -6.00 -36.39 19.93
C GLU A 671 -6.09 -35.16 20.82
N GLY A 672 -5.16 -34.22 20.67
CA GLY A 672 -5.20 -32.99 21.46
C GLY A 672 -6.41 -32.12 21.13
N VAL A 673 -6.73 -32.02 19.85
CA VAL A 673 -7.93 -31.30 19.42
C VAL A 673 -9.18 -32.02 19.93
N ALA A 674 -9.22 -33.34 19.79
CA ALA A 674 -10.37 -34.12 20.27
C ALA A 674 -10.58 -33.94 21.77
N GLU A 675 -9.49 -33.94 22.55
CA GLU A 675 -9.61 -33.76 23.99
C GLU A 675 -10.27 -32.43 24.33
N ARG A 676 -9.83 -31.37 23.66
CA ARG A 676 -10.38 -30.05 23.91
C ARG A 676 -11.82 -29.92 23.39
N ALA A 677 -12.12 -30.59 22.29
CA ALA A 677 -13.49 -30.67 21.79
C ALA A 677 -14.40 -31.38 22.79
N ALA A 678 -13.96 -32.51 23.33
CA ALA A 678 -14.75 -33.24 24.33
C ALA A 678 -14.96 -32.39 25.58
N LYS A 679 -13.91 -31.69 26.02
CA LYS A 679 -14.05 -30.78 27.16
C LYS A 679 -15.05 -29.66 26.88
N THR A 680 -15.06 -29.15 25.65
CA THR A 680 -15.98 -28.11 25.24
C THR A 680 -17.43 -28.61 25.28
N VAL A 681 -17.67 -29.79 24.74
CA VAL A 681 -19.02 -30.40 24.80
C VAL A 681 -19.46 -30.53 26.27
N ALA A 682 -18.58 -31.02 27.14
CA ALA A 682 -18.92 -31.19 28.55
C ALA A 682 -19.19 -29.85 29.25
N PHE A 683 -18.39 -28.84 28.92
CA PHE A 683 -18.54 -27.52 29.50
C PHE A 683 -19.91 -26.88 29.22
N TYR A 684 -20.49 -27.20 28.06
CA TYR A 684 -21.79 -26.65 27.67
C TYR A 684 -22.98 -27.56 27.97
N LYS A 685 -22.74 -28.71 28.60
CA LYS A 685 -23.85 -29.58 29.02
C LYS A 685 -24.76 -28.81 29.99
N GLY A 686 -26.06 -28.80 29.71
CA GLY A 686 -27.02 -28.07 30.54
C GLY A 686 -27.10 -26.59 30.27
N LYS A 687 -26.34 -26.09 29.27
CA LYS A 687 -26.34 -24.68 28.93
C LYS A 687 -27.03 -24.44 27.59
N ASP A 688 -27.60 -23.25 27.45
CA ASP A 688 -28.17 -22.80 26.19
C ASP A 688 -27.11 -22.01 25.43
N VAL A 689 -26.83 -22.45 24.22
CA VAL A 689 -25.72 -21.93 23.42
C VAL A 689 -26.28 -21.23 22.19
N VAL A 690 -25.88 -19.97 21.98
CA VAL A 690 -26.24 -19.27 20.74
C VAL A 690 -24.98 -19.00 19.95
N SER A 691 -25.18 -18.72 18.67
CA SER A 691 -24.05 -18.52 17.78
C SER A 691 -23.14 -17.41 18.30
N PRO A 692 -21.80 -17.59 18.15
CA PRO A 692 -20.91 -16.48 18.42
C PRO A 692 -21.19 -15.23 17.57
N LEU A 693 -21.91 -15.40 16.47
CA LEU A 693 -22.28 -14.28 15.61
C LEU A 693 -23.33 -13.36 16.23
N ARG A 694 -24.04 -13.83 17.25
CA ARG A 694 -25.03 -13.00 17.94
C ARG A 694 -24.32 -11.96 18.81
N SER A 695 -24.96 -10.82 18.99
CA SER A 695 -24.45 -9.80 19.91
C SER A 695 -25.57 -8.94 20.40
N ALA A 696 -25.26 -8.20 21.46
CA ALA A 696 -26.24 -7.32 22.11
C ALA A 696 -26.44 -6.01 21.37
N PHE A 697 -25.49 -5.64 20.53
CA PHE A 697 -25.53 -4.39 19.80
C PHE A 697 -24.54 -4.46 18.65
#